data_1QHK
#
_entry.id   1QHK
#
_cell.length_a   1.000
_cell.length_b   1.000
_cell.length_c   1.000
_cell.angle_alpha   90.00
_cell.angle_beta   90.00
_cell.angle_gamma   90.00
#
_symmetry.space_group_name_H-M   'P 1'
#
_entity_poly.entity_id   1
_entity_poly.type   'polypeptide(L)'
_entity_poly.pdbx_seq_one_letter_code
;GNFYAVRKGRETGIYNTWNECKNQVDGYGGAIYKKFNSYEQAKSFLG
;
_entity_poly.pdbx_strand_id   A
#
# COMPACT_ATOMS: atom_id res chain seq x y z
N GLY A 1 2.14 2.61 -11.95
CA GLY A 1 2.58 2.44 -10.54
C GLY A 1 2.37 0.99 -10.11
N ASN A 2 1.68 0.78 -9.01
CA ASN A 2 1.46 -0.61 -8.56
C ASN A 2 0.32 -0.68 -7.55
N PHE A 3 0.15 -1.82 -6.96
CA PHE A 3 -0.92 -1.99 -5.93
C PHE A 3 -0.25 -1.94 -4.56
N TYR A 4 -0.91 -1.41 -3.57
CA TYR A 4 -0.23 -1.34 -2.25
C TYR A 4 -1.16 -1.67 -1.09
N ALA A 5 -0.95 -2.79 -0.46
CA ALA A 5 -1.79 -3.13 0.72
C ALA A 5 -1.20 -2.35 1.90
N VAL A 6 -1.46 -1.08 1.95
CA VAL A 6 -0.88 -0.23 3.02
C VAL A 6 -1.87 0.03 4.15
N ARG A 7 -1.36 0.21 5.35
CA ARG A 7 -2.25 0.48 6.50
C ARG A 7 -1.42 0.89 7.73
N LYS A 8 -0.33 1.57 7.53
CA LYS A 8 0.50 1.99 8.69
C LYS A 8 -0.39 2.76 9.68
N GLY A 9 -1.18 3.66 9.18
CA GLY A 9 -2.08 4.45 10.07
C GLY A 9 -2.79 5.52 9.25
N ARG A 10 -3.86 6.07 9.75
CA ARG A 10 -4.58 7.11 8.99
C ARG A 10 -5.37 6.47 7.85
N GLU A 11 -6.14 7.24 7.12
CA GLU A 11 -6.92 6.66 6.00
C GLU A 11 -5.98 5.92 5.06
N THR A 12 -5.96 4.62 5.11
CA THR A 12 -5.05 3.84 4.22
C THR A 12 -5.82 2.67 3.59
N GLY A 13 -5.12 1.66 3.17
CA GLY A 13 -5.79 0.48 2.56
C GLY A 13 -5.02 0.03 1.32
N ILE A 14 -5.66 -0.65 0.42
CA ILE A 14 -4.95 -1.11 -0.79
C ILE A 14 -4.93 -0.02 -1.85
N TYR A 15 -3.83 0.14 -2.52
CA TYR A 15 -3.73 1.19 -3.59
C TYR A 15 -3.47 0.51 -4.91
N ASN A 16 -3.35 1.30 -5.94
CA ASN A 16 -3.10 0.74 -7.29
C ASN A 16 -2.67 1.89 -8.18
N THR A 17 -1.57 2.50 -7.88
CA THR A 17 -1.13 3.66 -8.68
C THR A 17 0.35 3.93 -8.47
N TRP A 18 0.90 4.81 -9.24
CA TRP A 18 2.33 5.17 -9.05
C TRP A 18 2.37 6.16 -7.89
N ASN A 19 1.53 7.15 -7.96
CA ASN A 19 1.47 8.16 -6.89
C ASN A 19 0.95 7.52 -5.61
N GLU A 20 -0.21 6.94 -5.66
CA GLU A 20 -0.77 6.27 -4.45
C GLU A 20 0.34 5.45 -3.80
N CYS A 21 1.19 4.90 -4.60
CA CYS A 21 2.31 4.08 -4.06
C CYS A 21 3.25 4.98 -3.27
N LYS A 22 4.14 5.61 -3.95
CA LYS A 22 5.10 6.51 -3.30
C LYS A 22 4.36 7.57 -2.46
N ASN A 23 3.31 8.14 -3.00
CA ASN A 23 2.55 9.17 -2.24
C ASN A 23 2.14 8.61 -0.88
N GLN A 24 1.53 7.45 -0.86
CA GLN A 24 1.10 6.86 0.43
C GLN A 24 2.34 6.43 1.21
N VAL A 25 3.42 6.17 0.53
CA VAL A 25 4.65 5.74 1.24
C VAL A 25 5.89 6.23 0.49
N ASP A 26 6.28 7.45 0.71
CA ASP A 26 7.49 7.99 0.01
C ASP A 26 8.45 8.53 1.07
N GLY A 27 9.49 7.80 1.37
CA GLY A 27 10.46 8.25 2.41
C GLY A 27 10.25 7.42 3.67
N TYR A 28 9.01 7.33 4.12
CA TYR A 28 8.65 6.53 5.34
C TYR A 28 9.88 5.88 5.99
N GLY A 29 10.28 6.34 7.13
CA GLY A 29 11.47 5.75 7.81
C GLY A 29 11.27 4.24 7.94
N GLY A 30 10.05 3.79 8.00
CA GLY A 30 9.79 2.33 8.14
C GLY A 30 8.28 2.08 8.13
N ALA A 31 7.60 2.53 7.10
CA ALA A 31 6.13 2.32 7.05
C ALA A 31 5.83 0.82 6.91
N ILE A 32 4.61 0.41 7.13
CA ILE A 32 4.26 -1.04 7.02
C ILE A 32 4.02 -1.42 5.57
N TYR A 33 3.23 -0.63 4.91
CA TYR A 33 2.87 -0.84 3.47
C TYR A 33 3.29 -2.22 2.92
N LYS A 34 2.34 -3.04 2.57
CA LYS A 34 2.67 -4.36 1.98
C LYS A 34 2.52 -4.24 0.47
N LYS A 35 3.58 -3.93 -0.21
CA LYS A 35 3.51 -3.76 -1.68
C LYS A 35 2.80 -4.94 -2.34
N PHE A 36 2.11 -4.69 -3.42
CA PHE A 36 1.39 -5.77 -4.12
C PHE A 36 1.10 -5.40 -5.57
N ASN A 37 0.76 -6.38 -6.36
CA ASN A 37 0.45 -6.12 -7.79
C ASN A 37 -0.87 -6.82 -8.12
N SER A 38 -1.74 -6.91 -7.16
CA SER A 38 -3.03 -7.59 -7.38
C SER A 38 -3.88 -7.46 -6.11
N TYR A 39 -4.73 -6.47 -6.08
CA TYR A 39 -5.60 -6.24 -4.88
C TYR A 39 -6.01 -7.58 -4.25
N GLU A 40 -6.11 -8.61 -5.04
CA GLU A 40 -6.52 -9.94 -4.50
C GLU A 40 -5.50 -10.42 -3.46
N GLN A 41 -4.23 -10.23 -3.71
CA GLN A 41 -3.22 -10.68 -2.74
C GLN A 41 -3.14 -9.65 -1.63
N ALA A 42 -2.93 -8.42 -2.01
CA ALA A 42 -2.86 -7.34 -1.00
C ALA A 42 -4.09 -7.43 -0.10
N LYS A 43 -5.25 -7.58 -0.68
CA LYS A 43 -6.49 -7.67 0.14
C LYS A 43 -6.46 -8.95 0.97
N SER A 44 -6.03 -10.05 0.38
CA SER A 44 -5.96 -11.31 1.17
C SER A 44 -4.98 -11.10 2.33
N PHE A 45 -4.09 -10.16 2.19
CA PHE A 45 -3.11 -9.88 3.27
C PHE A 45 -3.80 -9.08 4.37
N LEU A 46 -4.40 -7.98 4.00
CA LEU A 46 -5.09 -7.15 5.00
C LEU A 46 -5.87 -8.02 5.97
N GLY A 47 -6.32 -9.17 5.53
CA GLY A 47 -7.09 -10.06 6.42
C GLY A 47 -8.58 -9.75 6.27
N GLY A 1 1.13 2.09 -12.30
CA GLY A 1 0.21 2.03 -11.14
C GLY A 1 0.44 0.71 -10.37
N ASN A 2 0.85 0.80 -9.14
CA ASN A 2 1.10 -0.43 -8.36
C ASN A 2 0.00 -0.61 -7.32
N PHE A 3 -0.22 -1.82 -6.89
CA PHE A 3 -1.25 -2.05 -5.84
C PHE A 3 -0.54 -1.97 -4.50
N TYR A 4 -1.06 -1.28 -3.54
CA TYR A 4 -0.31 -1.19 -2.26
C TYR A 4 -1.18 -1.45 -1.05
N ALA A 5 -1.00 -2.58 -0.41
CA ALA A 5 -1.77 -2.86 0.82
C ALA A 5 -1.11 -2.07 1.93
N VAL A 6 -1.34 -0.79 1.93
CA VAL A 6 -0.70 0.09 2.94
C VAL A 6 -1.66 0.47 4.05
N ARG A 7 -1.13 0.75 5.22
CA ARG A 7 -2.00 1.16 6.35
C ARG A 7 -1.35 2.34 7.08
N LYS A 8 -0.21 2.12 7.67
CA LYS A 8 0.48 3.23 8.39
C LYS A 8 -0.55 4.03 9.20
N GLY A 9 -1.62 3.40 9.61
CA GLY A 9 -2.65 4.13 10.41
C GLY A 9 -4.02 3.96 9.75
N ARG A 10 -5.05 4.51 10.34
CA ARG A 10 -6.41 4.37 9.74
C ARG A 10 -6.40 4.90 8.31
N GLU A 11 -7.49 4.76 7.61
CA GLU A 11 -7.54 5.26 6.20
C GLU A 11 -6.59 4.43 5.33
N THR A 12 -6.05 5.03 4.29
CA THR A 12 -5.11 4.28 3.41
C THR A 12 -5.73 2.94 3.01
N GLY A 13 -4.93 1.91 2.86
CA GLY A 13 -5.48 0.59 2.46
C GLY A 13 -4.78 0.14 1.17
N ILE A 14 -5.43 -0.65 0.38
CA ILE A 14 -4.78 -1.12 -0.87
C ILE A 14 -4.81 -0.03 -1.94
N TYR A 15 -3.67 0.40 -2.39
CA TYR A 15 -3.62 1.45 -3.45
C TYR A 15 -3.51 0.77 -4.81
N ASN A 16 -3.33 1.55 -5.82
CA ASN A 16 -3.22 0.99 -7.18
C ASN A 16 -2.68 2.10 -8.07
N THR A 17 -1.53 2.62 -7.76
CA THR A 17 -0.98 3.73 -8.57
C THR A 17 0.52 3.85 -8.35
N TRP A 18 1.18 4.59 -9.19
CA TRP A 18 2.64 4.78 -9.00
C TRP A 18 2.80 5.82 -7.90
N ASN A 19 2.04 6.88 -7.98
CA ASN A 19 2.09 7.93 -6.96
C ASN A 19 1.54 7.39 -5.66
N GLU A 20 0.31 6.94 -5.65
CA GLU A 20 -0.27 6.38 -4.40
C GLU A 20 0.78 5.51 -3.73
N CYS A 21 1.56 4.82 -4.51
CA CYS A 21 2.62 3.96 -3.94
C CYS A 21 3.62 4.84 -3.20
N LYS A 22 4.60 5.29 -3.89
CA LYS A 22 5.61 6.16 -3.29
C LYS A 22 4.95 7.33 -2.55
N ASN A 23 4.03 7.99 -3.19
CA ASN A 23 3.35 9.14 -2.52
C ASN A 23 2.90 8.71 -1.13
N GLN A 24 2.31 7.55 -1.01
CA GLN A 24 1.86 7.09 0.32
C GLN A 24 3.07 6.68 1.15
N VAL A 25 4.16 6.35 0.50
CA VAL A 25 5.37 5.93 1.26
C VAL A 25 6.61 6.73 0.81
N ASP A 26 7.33 6.22 -0.15
CA ASP A 26 8.54 6.93 -0.67
C ASP A 26 9.25 7.72 0.45
N GLY A 27 10.31 7.17 0.98
CA GLY A 27 11.06 7.90 2.05
C GLY A 27 10.24 7.86 3.34
N TYR A 28 10.18 6.73 3.98
CA TYR A 28 9.39 6.59 5.21
C TYR A 28 10.31 6.20 6.37
N GLY A 29 10.14 6.82 7.51
CA GLY A 29 11.01 6.47 8.68
C GLY A 29 10.75 5.03 9.09
N GLY A 30 9.64 4.49 8.68
CA GLY A 30 9.31 3.07 9.04
C GLY A 30 7.86 2.77 8.65
N ALA A 31 7.53 2.96 7.40
CA ALA A 31 6.14 2.68 6.96
C ALA A 31 5.92 1.17 6.85
N ILE A 32 4.70 0.73 7.00
CA ILE A 32 4.42 -0.73 6.88
C ILE A 32 4.20 -1.07 5.42
N TYR A 33 3.39 -0.27 4.78
CA TYR A 33 3.05 -0.45 3.34
C TYR A 33 3.33 -1.87 2.82
N LYS A 34 2.29 -2.62 2.54
CA LYS A 34 2.49 -3.99 1.99
C LYS A 34 2.35 -3.93 0.46
N LYS A 35 3.43 -3.69 -0.22
CA LYS A 35 3.38 -3.58 -1.71
C LYS A 35 2.68 -4.78 -2.32
N PHE A 36 1.94 -4.56 -3.38
CA PHE A 36 1.22 -5.69 -4.03
C PHE A 36 0.86 -5.34 -5.47
N ASN A 37 0.46 -6.33 -6.21
CA ASN A 37 0.07 -6.11 -7.63
C ASN A 37 -1.25 -6.82 -7.88
N SER A 38 -2.20 -6.63 -7.01
CA SER A 38 -3.51 -7.32 -7.19
C SER A 38 -4.32 -7.18 -5.90
N TYR A 39 -5.25 -6.27 -5.87
CA TYR A 39 -6.09 -6.07 -4.65
C TYR A 39 -6.43 -7.43 -4.02
N GLU A 40 -6.45 -8.48 -4.80
CA GLU A 40 -6.77 -9.81 -4.24
C GLU A 40 -5.59 -10.34 -3.41
N GLN A 41 -4.38 -10.06 -3.83
CA GLN A 41 -3.22 -10.51 -3.06
C GLN A 41 -3.06 -9.60 -1.86
N ALA A 42 -2.96 -8.34 -2.12
CA ALA A 42 -2.84 -7.37 -1.02
C ALA A 42 -3.98 -7.63 -0.04
N LYS A 43 -5.18 -7.65 -0.54
CA LYS A 43 -6.35 -7.93 0.33
C LYS A 43 -6.09 -9.21 1.12
N SER A 44 -5.86 -10.29 0.42
CA SER A 44 -5.59 -11.58 1.12
C SER A 44 -4.61 -11.31 2.26
N PHE A 45 -3.70 -10.41 2.07
CA PHE A 45 -2.73 -10.09 3.15
C PHE A 45 -3.42 -9.23 4.20
N LEU A 46 -4.23 -8.29 3.77
CA LEU A 46 -4.93 -7.42 4.72
C LEU A 46 -5.70 -8.27 5.73
N GLY A 47 -6.51 -9.17 5.26
CA GLY A 47 -7.28 -10.03 6.19
C GLY A 47 -8.45 -10.70 5.45
N GLY A 1 2.94 2.17 -12.13
CA GLY A 1 2.45 2.21 -10.72
C GLY A 1 2.28 0.79 -10.19
N ASN A 2 1.74 0.64 -9.01
CA ASN A 2 1.56 -0.73 -8.47
C ASN A 2 0.44 -0.76 -7.45
N PHE A 3 0.26 -1.87 -6.79
CA PHE A 3 -0.79 -1.98 -5.75
C PHE A 3 -0.14 -1.81 -4.39
N TYR A 4 -0.85 -1.32 -3.41
CA TYR A 4 -0.18 -1.15 -2.09
C TYR A 4 -1.10 -1.44 -0.92
N ALA A 5 -0.91 -2.54 -0.23
CA ALA A 5 -1.75 -2.79 0.97
C ALA A 5 -1.14 -1.90 2.05
N VAL A 6 -1.84 -0.92 2.50
CA VAL A 6 -1.23 0.02 3.47
C VAL A 6 -2.16 0.32 4.63
N ARG A 7 -1.61 0.77 5.74
CA ARG A 7 -2.48 1.12 6.88
C ARG A 7 -2.10 2.49 7.44
N LYS A 8 -0.86 2.67 7.78
CA LYS A 8 -0.44 4.00 8.33
C LYS A 8 -1.17 4.29 9.63
N GLY A 9 -2.43 4.61 9.56
CA GLY A 9 -3.21 4.92 10.80
C GLY A 9 -4.66 5.27 10.42
N ARG A 10 -4.84 5.92 9.31
CA ARG A 10 -6.22 6.30 8.89
C ARG A 10 -7.08 5.04 8.74
N GLU A 11 -6.83 4.26 7.72
CA GLU A 11 -7.63 3.01 7.53
C GLU A 11 -6.92 2.11 6.51
N THR A 12 -6.68 0.87 6.87
CA THR A 12 -5.99 -0.06 5.93
C THR A 12 -6.63 0.06 4.55
N GLY A 13 -5.85 0.32 3.53
CA GLY A 13 -6.44 0.44 2.17
C GLY A 13 -5.39 0.03 1.14
N ILE A 14 -5.81 -0.49 0.02
CA ILE A 14 -4.81 -0.91 -1.00
C ILE A 14 -4.79 0.06 -2.17
N TYR A 15 -3.63 0.51 -2.56
CA TYR A 15 -3.53 1.46 -3.70
C TYR A 15 -3.30 0.67 -4.97
N ASN A 16 -3.16 1.36 -6.05
CA ASN A 16 -2.93 0.71 -7.35
C ASN A 16 -2.40 1.77 -8.30
N THR A 17 -1.31 2.38 -7.95
CA THR A 17 -0.76 3.45 -8.79
C THR A 17 0.72 3.69 -8.48
N TRP A 18 1.38 4.43 -9.32
CA TRP A 18 2.81 4.75 -9.06
C TRP A 18 2.82 5.87 -8.02
N ASN A 19 2.00 6.85 -8.25
CA ASN A 19 1.89 8.00 -7.33
C ASN A 19 1.32 7.51 -6.00
N GLU A 20 0.14 6.95 -6.02
CA GLU A 20 -0.45 6.43 -4.76
C GLU A 20 0.62 5.69 -3.99
N CYS A 21 1.48 5.00 -4.69
CA CYS A 21 2.57 4.25 -4.02
C CYS A 21 3.51 5.24 -3.34
N LYS A 22 4.51 5.66 -4.04
CA LYS A 22 5.48 6.62 -3.49
C LYS A 22 4.77 7.67 -2.65
N ASN A 23 3.64 8.17 -3.12
CA ASN A 23 2.92 9.19 -2.34
C ASN A 23 2.63 8.64 -0.94
N GLN A 24 2.15 7.43 -0.86
CA GLN A 24 1.86 6.83 0.47
C GLN A 24 3.18 6.53 1.18
N VAL A 25 4.25 6.36 0.45
CA VAL A 25 5.56 6.07 1.10
C VAL A 25 6.69 6.67 0.27
N ASP A 26 6.81 7.97 0.26
CA ASP A 26 7.91 8.62 -0.51
C ASP A 26 8.93 9.19 0.47
N GLY A 27 9.86 8.39 0.90
CA GLY A 27 10.88 8.88 1.88
C GLY A 27 10.65 8.21 3.23
N TYR A 28 9.86 7.17 3.25
CA TYR A 28 9.56 6.47 4.52
C TYR A 28 10.35 5.15 4.58
N GLY A 29 11.54 5.19 5.11
CA GLY A 29 12.36 3.94 5.21
C GLY A 29 11.84 3.03 6.33
N GLY A 30 10.84 3.46 7.05
CA GLY A 30 10.31 2.62 8.16
C GLY A 30 8.79 2.73 8.24
N ALA A 31 8.15 3.07 7.15
CA ALA A 31 6.66 3.20 7.17
C ALA A 31 6.02 1.82 7.18
N ILE A 32 4.80 1.72 7.62
CA ILE A 32 4.14 0.40 7.58
C ILE A 32 3.57 0.23 6.18
N TYR A 33 3.81 -0.87 5.57
CA TYR A 33 3.25 -1.04 4.21
C TYR A 33 3.46 -2.45 3.67
N LYS A 34 2.45 -2.97 3.02
CA LYS A 34 2.54 -4.32 2.42
C LYS A 34 2.43 -4.14 0.90
N LYS A 35 3.52 -3.79 0.27
CA LYS A 35 3.49 -3.56 -1.20
C LYS A 35 2.77 -4.74 -1.88
N PHE A 36 2.14 -4.48 -2.99
CA PHE A 36 1.41 -5.57 -3.69
C PHE A 36 1.22 -5.23 -5.16
N ASN A 37 0.91 -6.22 -5.95
CA ASN A 37 0.70 -6.00 -7.40
C ASN A 37 -0.60 -6.69 -7.80
N SER A 38 -1.59 -6.59 -6.97
CA SER A 38 -2.89 -7.24 -7.27
C SER A 38 -3.84 -6.99 -6.11
N TYR A 39 -4.68 -6.01 -6.25
CA TYR A 39 -5.66 -5.68 -5.16
C TYR A 39 -6.19 -6.96 -4.50
N GLU A 40 -6.21 -8.05 -5.23
CA GLU A 40 -6.72 -9.33 -4.64
C GLU A 40 -5.68 -9.93 -3.70
N GLN A 41 -4.42 -9.76 -3.98
CA GLN A 41 -3.40 -10.30 -3.07
C GLN A 41 -3.33 -9.42 -1.85
N ALA A 42 -3.11 -8.17 -2.07
CA ALA A 42 -3.07 -7.21 -0.95
C ALA A 42 -4.33 -7.42 -0.11
N LYS A 43 -5.46 -7.42 -0.76
CA LYS A 43 -6.75 -7.65 -0.03
C LYS A 43 -6.61 -8.92 0.81
N SER A 44 -6.38 -10.02 0.16
CA SER A 44 -6.22 -11.30 0.89
C SER A 44 -5.36 -11.07 2.13
N PHE A 45 -4.39 -10.20 2.05
CA PHE A 45 -3.52 -9.91 3.21
C PHE A 45 -4.28 -9.01 4.18
N LEU A 46 -5.03 -8.08 3.67
CA LEU A 46 -5.80 -7.16 4.53
C LEU A 46 -6.49 -7.95 5.65
N GLY A 47 -6.78 -9.20 5.43
CA GLY A 47 -7.45 -10.00 6.49
C GLY A 47 -8.56 -10.87 5.91
N GLY A 1 2.04 1.90 -12.14
CA GLY A 1 0.83 1.69 -11.30
C GLY A 1 1.02 0.46 -10.42
N ASN A 2 1.39 0.63 -9.18
CA ASN A 2 1.59 -0.53 -8.31
C ASN A 2 0.44 -0.67 -7.33
N PHE A 3 0.32 -1.81 -6.71
CA PHE A 3 -0.77 -2.01 -5.70
C PHE A 3 -0.16 -1.85 -4.32
N TYR A 4 -0.85 -1.25 -3.39
CA TYR A 4 -0.22 -1.06 -2.05
C TYR A 4 -1.21 -1.24 -0.92
N ALA A 5 -1.12 -2.31 -0.18
CA ALA A 5 -2.02 -2.47 1.00
C ALA A 5 -1.39 -1.64 2.12
N VAL A 6 -1.83 -0.42 2.26
CA VAL A 6 -1.18 0.48 3.27
C VAL A 6 -2.12 0.87 4.41
N ARG A 7 -1.54 1.19 5.54
CA ARG A 7 -2.38 1.62 6.70
C ARG A 7 -1.65 2.68 7.55
N LYS A 8 -0.37 2.84 7.38
CA LYS A 8 0.37 3.85 8.19
C LYS A 8 -0.09 3.78 9.65
N GLY A 9 -1.04 4.59 10.02
CA GLY A 9 -1.54 4.57 11.43
C GLY A 9 -3.03 4.25 11.44
N ARG A 10 -3.72 4.60 10.39
CA ARG A 10 -5.18 4.31 10.33
C ARG A 10 -5.65 4.42 8.88
N GLU A 11 -6.91 4.15 8.63
CA GLU A 11 -7.42 4.24 7.24
C GLU A 11 -6.60 3.31 6.34
N THR A 12 -6.65 2.03 6.58
CA THR A 12 -5.86 1.08 5.73
C THR A 12 -6.59 0.86 4.41
N GLY A 13 -5.86 0.77 3.32
CA GLY A 13 -6.51 0.55 2.00
C GLY A 13 -5.47 0.14 0.98
N ILE A 14 -5.90 -0.43 -0.12
CA ILE A 14 -4.94 -0.85 -1.15
C ILE A 14 -4.94 0.12 -2.32
N TYR A 15 -3.81 0.70 -2.63
CA TYR A 15 -3.75 1.63 -3.78
C TYR A 15 -3.41 0.85 -5.03
N ASN A 16 -3.32 1.52 -6.13
CA ASN A 16 -3.00 0.84 -7.39
C ASN A 16 -2.44 1.88 -8.36
N THR A 17 -1.32 2.45 -8.04
CA THR A 17 -0.73 3.48 -8.92
C THR A 17 0.75 3.63 -8.63
N TRP A 18 1.48 4.22 -9.54
CA TRP A 18 2.92 4.45 -9.27
C TRP A 18 2.98 5.70 -8.40
N ASN A 19 2.32 6.73 -8.84
CA ASN A 19 2.29 8.00 -8.09
C ASN A 19 1.66 7.74 -6.72
N GLU A 20 0.47 7.24 -6.69
CA GLU A 20 -0.19 6.96 -5.39
C GLU A 20 0.78 6.18 -4.51
N CYS A 21 1.37 5.14 -5.05
CA CYS A 21 2.32 4.33 -4.26
C CYS A 21 3.29 5.23 -3.54
N LYS A 22 4.30 5.63 -4.22
CA LYS A 22 5.31 6.52 -3.64
C LYS A 22 4.62 7.70 -2.94
N ASN A 23 3.41 8.00 -3.31
CA ASN A 23 2.69 9.14 -2.66
C ASN A 23 2.33 8.73 -1.23
N GLN A 24 1.85 7.54 -1.06
CA GLN A 24 1.48 7.07 0.31
C GLN A 24 2.74 6.72 1.08
N VAL A 25 3.78 6.33 0.40
CA VAL A 25 5.04 5.96 1.10
C VAL A 25 6.26 6.33 0.26
N ASP A 26 6.77 7.52 0.43
CA ASP A 26 7.97 7.94 -0.35
C ASP A 26 9.16 8.08 0.60
N GLY A 27 9.00 8.87 1.61
CA GLY A 27 10.11 9.07 2.59
C GLY A 27 9.78 8.33 3.89
N TYR A 28 9.49 7.06 3.80
CA TYR A 28 9.17 6.28 5.02
C TYR A 28 10.08 5.06 5.09
N GLY A 29 11.18 5.18 5.79
CA GLY A 29 12.12 4.03 5.90
C GLY A 29 11.57 3.00 6.88
N GLY A 30 10.41 3.23 7.41
CA GLY A 30 9.83 2.25 8.38
C GLY A 30 8.31 2.35 8.38
N ALA A 31 7.73 2.89 7.33
CA ALA A 31 6.26 3.00 7.28
C ALA A 31 5.63 1.62 7.26
N ILE A 32 4.43 1.50 7.71
CA ILE A 32 3.76 0.18 7.65
C ILE A 32 3.18 0.05 6.26
N TYR A 33 3.38 -1.03 5.62
CA TYR A 33 2.80 -1.16 4.27
C TYR A 33 3.01 -2.54 3.67
N LYS A 34 2.02 -3.04 3.00
CA LYS A 34 2.11 -4.37 2.36
C LYS A 34 2.10 -4.14 0.85
N LYS A 35 3.22 -3.74 0.32
CA LYS A 35 3.30 -3.47 -1.14
C LYS A 35 2.77 -4.69 -1.90
N PHE A 36 2.16 -4.47 -3.02
CA PHE A 36 1.60 -5.61 -3.79
C PHE A 36 1.42 -5.25 -5.26
N ASN A 37 1.14 -6.23 -6.06
CA ASN A 37 0.96 -6.00 -7.52
C ASN A 37 -0.27 -6.77 -7.95
N SER A 38 -1.21 -6.89 -7.06
CA SER A 38 -2.45 -7.64 -7.35
C SER A 38 -3.43 -7.44 -6.20
N TYR A 39 -4.27 -6.45 -6.33
CA TYR A 39 -5.28 -6.15 -5.26
C TYR A 39 -5.66 -7.44 -4.51
N GLU A 40 -5.76 -8.53 -5.21
CA GLU A 40 -6.13 -9.82 -4.57
C GLU A 40 -5.10 -10.21 -3.50
N GLN A 41 -3.84 -10.05 -3.77
CA GLN A 41 -2.82 -10.40 -2.76
C GLN A 41 -2.92 -9.39 -1.65
N ALA A 42 -2.83 -8.15 -2.00
CA ALA A 42 -2.94 -7.08 -1.00
C ALA A 42 -4.21 -7.32 -0.18
N LYS A 43 -5.32 -7.54 -0.84
CA LYS A 43 -6.59 -7.79 -0.11
C LYS A 43 -6.40 -8.98 0.83
N SER A 44 -6.14 -10.14 0.29
CA SER A 44 -5.94 -11.34 1.14
C SER A 44 -5.11 -10.95 2.36
N PHE A 45 -4.15 -10.09 2.18
CA PHE A 45 -3.30 -9.67 3.33
C PHE A 45 -4.08 -8.66 4.19
N LEU A 46 -4.89 -7.84 3.57
CA LEU A 46 -5.67 -6.85 4.32
C LEU A 46 -6.43 -7.54 5.45
N GLY A 47 -7.22 -8.53 5.14
CA GLY A 47 -8.00 -9.23 6.19
C GLY A 47 -9.29 -9.81 5.61
N GLY A 1 3.19 1.51 -12.31
CA GLY A 1 2.91 1.75 -10.86
C GLY A 1 2.73 0.40 -10.16
N ASN A 2 1.99 0.38 -9.08
CA ASN A 2 1.79 -0.91 -8.38
C ASN A 2 0.61 -0.84 -7.43
N PHE A 3 0.43 -1.87 -6.65
CA PHE A 3 -0.68 -1.87 -5.66
C PHE A 3 -0.05 -1.75 -4.28
N TYR A 4 -0.70 -1.12 -3.34
CA TYR A 4 -0.05 -0.98 -2.00
C TYR A 4 -1.05 -1.07 -0.86
N ALA A 5 -0.96 -2.12 -0.06
CA ALA A 5 -1.86 -2.22 1.12
C ALA A 5 -1.26 -1.31 2.18
N VAL A 6 -1.76 -0.12 2.29
CA VAL A 6 -1.17 0.85 3.26
C VAL A 6 -2.16 1.39 4.28
N ARG A 7 -1.68 1.84 5.40
CA ARG A 7 -2.58 2.42 6.42
C ARG A 7 -1.78 3.22 7.43
N LYS A 8 -1.06 2.56 8.29
CA LYS A 8 -0.25 3.29 9.32
C LYS A 8 0.33 2.27 10.30
N GLY A 9 -0.37 1.21 10.57
CA GLY A 9 0.14 0.19 11.52
C GLY A 9 -0.46 -1.19 11.19
N ARG A 10 -1.69 -1.23 10.76
CA ARG A 10 -2.32 -2.55 10.45
C ARG A 10 -2.55 -2.68 8.93
N GLU A 11 -2.30 -1.65 8.18
CA GLU A 11 -2.50 -1.75 6.71
C GLU A 11 -4.00 -1.91 6.43
N THR A 12 -4.55 -1.13 5.54
CA THR A 12 -6.01 -1.26 5.24
C THR A 12 -6.42 -0.43 4.02
N GLY A 13 -5.51 0.22 3.35
CA GLY A 13 -5.92 1.03 2.15
C GLY A 13 -5.03 0.64 0.99
N ILE A 14 -5.57 -0.08 0.03
CA ILE A 14 -4.72 -0.52 -1.10
C ILE A 14 -4.76 0.47 -2.26
N TYR A 15 -3.61 0.85 -2.73
CA TYR A 15 -3.55 1.74 -3.91
C TYR A 15 -3.25 0.86 -5.11
N ASN A 16 -3.15 1.45 -6.25
CA ASN A 16 -2.86 0.67 -7.47
C ASN A 16 -2.34 1.65 -8.50
N THR A 17 -1.23 2.26 -8.21
CA THR A 17 -0.67 3.25 -9.14
C THR A 17 0.81 3.45 -8.84
N TRP A 18 1.50 4.12 -9.71
CA TRP A 18 2.93 4.40 -9.45
C TRP A 18 2.97 5.56 -8.46
N ASN A 19 2.22 6.58 -8.76
CA ASN A 19 2.15 7.77 -7.89
C ASN A 19 1.56 7.37 -6.55
N GLU A 20 0.34 6.88 -6.55
CA GLU A 20 -0.30 6.46 -5.27
C GLU A 20 0.72 5.68 -4.46
N CYS A 21 1.52 4.89 -5.12
CA CYS A 21 2.55 4.10 -4.41
C CYS A 21 3.57 5.03 -3.80
N LYS A 22 4.56 5.38 -4.56
CA LYS A 22 5.61 6.28 -4.08
C LYS A 22 5.00 7.48 -3.34
N ASN A 23 3.97 8.07 -3.88
CA ASN A 23 3.34 9.23 -3.20
C ASN A 23 2.92 8.83 -1.78
N GLN A 24 2.14 7.79 -1.66
CA GLN A 24 1.70 7.35 -0.31
C GLN A 24 2.94 6.96 0.49
N VAL A 25 4.00 6.60 -0.18
CA VAL A 25 5.25 6.21 0.54
C VAL A 25 6.45 6.37 -0.38
N ASP A 26 7.12 7.50 -0.32
CA ASP A 26 8.30 7.73 -1.20
C ASP A 26 9.52 8.05 -0.34
N GLY A 27 9.34 8.87 0.64
CA GLY A 27 10.47 9.24 1.54
C GLY A 27 10.14 8.82 2.98
N TYR A 28 8.87 8.79 3.31
CA TYR A 28 8.39 8.38 4.67
C TYR A 28 9.55 7.97 5.59
N GLY A 29 9.76 8.69 6.66
CA GLY A 29 10.86 8.33 7.59
C GLY A 29 10.57 6.99 8.25
N GLY A 30 9.33 6.59 8.28
CA GLY A 30 8.97 5.29 8.91
C GLY A 30 7.49 4.97 8.65
N ALA A 31 7.09 4.98 7.42
CA ALA A 31 5.65 4.69 7.10
C ALA A 31 5.37 3.20 7.23
N ILE A 32 4.12 2.84 7.32
CA ILE A 32 3.78 1.40 7.38
C ILE A 32 3.13 1.04 6.06
N TYR A 33 3.46 -0.08 5.51
CA TYR A 33 2.81 -0.44 4.25
C TYR A 33 3.12 -1.88 3.84
N LYS A 34 2.21 -2.48 3.13
CA LYS A 34 2.40 -3.87 2.66
C LYS A 34 2.30 -3.85 1.14
N LYS A 35 3.40 -3.64 0.47
CA LYS A 35 3.39 -3.57 -1.02
C LYS A 35 2.60 -4.74 -1.60
N PHE A 36 2.01 -4.54 -2.74
CA PHE A 36 1.24 -5.63 -3.39
C PHE A 36 1.13 -5.38 -4.89
N ASN A 37 0.84 -6.40 -5.63
CA ASN A 37 0.70 -6.26 -7.10
C ASN A 37 -0.60 -6.92 -7.50
N SER A 38 -1.52 -7.00 -6.59
CA SER A 38 -2.82 -7.65 -6.87
C SER A 38 -3.83 -7.17 -5.83
N TYR A 39 -4.49 -6.09 -6.09
CA TYR A 39 -5.50 -5.55 -5.13
C TYR A 39 -6.27 -6.70 -4.48
N GLU A 40 -6.39 -7.81 -5.15
CA GLU A 40 -7.13 -8.97 -4.57
C GLU A 40 -6.31 -9.61 -3.45
N GLN A 41 -5.01 -9.62 -3.58
CA GLN A 41 -4.18 -10.21 -2.52
C GLN A 41 -4.06 -9.21 -1.39
N ALA A 42 -3.58 -8.06 -1.69
CA ALA A 42 -3.48 -7.00 -0.66
C ALA A 42 -4.80 -6.95 0.09
N LYS A 43 -5.87 -6.80 -0.64
CA LYS A 43 -7.23 -6.74 -0.01
C LYS A 43 -7.46 -8.01 0.80
N SER A 44 -7.32 -9.16 0.18
CA SER A 44 -7.53 -10.43 0.90
C SER A 44 -6.84 -10.32 2.26
N PHE A 45 -5.76 -9.60 2.32
CA PHE A 45 -5.02 -9.43 3.60
C PHE A 45 -5.77 -8.43 4.48
N LEU A 46 -6.11 -7.30 3.94
CA LEU A 46 -6.83 -6.28 4.72
C LEU A 46 -7.97 -6.93 5.51
N GLY A 47 -9.00 -7.36 4.83
CA GLY A 47 -10.16 -7.98 5.52
C GLY A 47 -11.43 -7.59 4.76
N GLY A 1 2.32 2.09 -11.95
CA GLY A 1 2.07 2.24 -10.50
C GLY A 1 2.02 0.86 -9.87
N ASN A 2 1.47 0.73 -8.69
CA ASN A 2 1.40 -0.62 -8.07
C ASN A 2 0.31 -0.66 -7.02
N PHE A 3 0.20 -1.78 -6.35
CA PHE A 3 -0.83 -1.92 -5.29
C PHE A 3 -0.15 -1.73 -3.95
N TYR A 4 -0.79 -1.11 -2.99
CA TYR A 4 -0.07 -0.94 -1.69
C TYR A 4 -0.96 -1.15 -0.49
N ALA A 5 -0.75 -2.23 0.22
CA ALA A 5 -1.54 -2.48 1.46
C ALA A 5 -0.94 -1.61 2.54
N VAL A 6 -1.41 -0.40 2.63
CA VAL A 6 -0.84 0.55 3.60
C VAL A 6 -1.72 0.77 4.82
N ARG A 7 -1.12 1.17 5.90
CA ARG A 7 -1.89 1.43 7.13
C ARG A 7 -1.25 2.58 7.94
N LYS A 8 -0.22 3.19 7.42
CA LYS A 8 0.43 4.31 8.17
C LYS A 8 -0.21 5.64 7.75
N GLY A 9 -1.45 5.85 8.12
CA GLY A 9 -2.13 7.11 7.73
C GLY A 9 -3.57 7.09 8.26
N ARG A 10 -4.45 6.42 7.56
CA ARG A 10 -5.86 6.36 8.02
C ARG A 10 -6.22 4.90 8.34
N GLU A 11 -6.75 4.18 7.39
CA GLU A 11 -7.11 2.76 7.65
C GLU A 11 -6.33 1.84 6.71
N THR A 12 -6.25 0.58 7.03
CA THR A 12 -5.51 -0.36 6.14
C THR A 12 -6.21 -0.43 4.78
N GLY A 13 -5.56 0.01 3.74
CA GLY A 13 -6.21 -0.03 2.40
C GLY A 13 -5.15 -0.30 1.33
N ILE A 14 -5.53 -0.96 0.27
CA ILE A 14 -4.54 -1.25 -0.79
C ILE A 14 -4.69 -0.26 -1.94
N TYR A 15 -3.68 0.52 -2.20
CA TYR A 15 -3.75 1.49 -3.32
C TYR A 15 -3.45 0.73 -4.60
N ASN A 16 -3.39 1.44 -5.68
CA ASN A 16 -3.12 0.79 -6.97
C ASN A 16 -2.61 1.86 -7.93
N THR A 17 -1.50 2.46 -7.60
CA THR A 17 -0.98 3.53 -8.46
C THR A 17 0.50 3.76 -8.18
N TRP A 18 1.15 4.49 -9.05
CA TRP A 18 2.58 4.82 -8.82
C TRP A 18 2.60 5.95 -7.80
N ASN A 19 1.81 6.96 -8.05
CA ASN A 19 1.75 8.11 -7.12
C ASN A 19 1.13 7.67 -5.80
N GLU A 20 -0.07 7.14 -5.84
CA GLU A 20 -0.71 6.69 -4.59
C GLU A 20 0.31 5.89 -3.78
N CYS A 21 1.15 5.16 -4.46
CA CYS A 21 2.18 4.36 -3.76
C CYS A 21 3.17 5.29 -3.08
N LYS A 22 4.20 5.66 -3.77
CA LYS A 22 5.20 6.57 -3.21
C LYS A 22 4.51 7.70 -2.45
N ASN A 23 3.48 8.28 -3.02
CA ASN A 23 2.78 9.38 -2.33
C ASN A 23 2.38 8.93 -0.93
N GLN A 24 1.79 7.77 -0.81
CA GLN A 24 1.39 7.28 0.54
C GLN A 24 2.65 6.88 1.33
N VAL A 25 3.73 6.61 0.65
CA VAL A 25 4.97 6.22 1.36
C VAL A 25 6.19 6.74 0.60
N ASP A 26 6.49 8.00 0.74
CA ASP A 26 7.66 8.57 0.02
C ASP A 26 8.79 8.86 1.02
N GLY A 27 8.45 9.00 2.26
CA GLY A 27 9.47 9.28 3.31
C GLY A 27 9.38 8.21 4.39
N TYR A 28 9.20 6.98 4.01
CA TYR A 28 9.11 5.89 5.01
C TYR A 28 10.10 4.78 4.67
N GLY A 29 11.26 4.80 5.26
CA GLY A 29 12.27 3.74 4.97
C GLY A 29 11.72 2.37 5.35
N GLY A 30 10.98 2.29 6.42
CA GLY A 30 10.42 0.98 6.84
C GLY A 30 8.99 1.17 7.34
N ALA A 31 8.16 1.82 6.57
CA ALA A 31 6.76 2.04 7.00
C ALA A 31 6.05 0.70 7.17
N ILE A 32 4.79 0.73 7.50
CA ILE A 32 4.02 -0.54 7.67
C ILE A 32 3.58 -1.02 6.30
N TYR A 33 3.38 -0.09 5.41
CA TYR A 33 2.91 -0.40 4.04
C TYR A 33 3.36 -1.80 3.58
N LYS A 34 2.54 -2.43 2.77
CA LYS A 34 2.87 -3.78 2.25
C LYS A 34 2.65 -3.77 0.74
N LYS A 35 3.65 -3.41 -0.01
CA LYS A 35 3.50 -3.34 -1.49
C LYS A 35 2.80 -4.58 -2.02
N PHE A 36 2.19 -4.47 -3.17
CA PHE A 36 1.48 -5.63 -3.76
C PHE A 36 1.35 -5.46 -5.27
N ASN A 37 1.18 -6.54 -5.97
CA ASN A 37 1.05 -6.46 -7.44
C ASN A 37 -0.18 -7.28 -7.85
N SER A 38 -1.25 -7.13 -7.12
CA SER A 38 -2.47 -7.90 -7.44
C SER A 38 -3.47 -7.69 -6.30
N TYR A 39 -4.39 -6.79 -6.48
CA TYR A 39 -5.40 -6.52 -5.41
C TYR A 39 -5.81 -7.84 -4.75
N GLU A 40 -5.74 -8.93 -5.47
CA GLU A 40 -6.14 -10.23 -4.89
C GLU A 40 -5.22 -10.59 -3.71
N GLN A 41 -3.93 -10.50 -3.90
CA GLN A 41 -3.00 -10.86 -2.80
C GLN A 41 -3.00 -9.74 -1.78
N ALA A 42 -2.92 -8.54 -2.23
CA ALA A 42 -2.92 -7.39 -1.31
C ALA A 42 -4.22 -7.42 -0.48
N LYS A 43 -5.34 -7.39 -1.13
CA LYS A 43 -6.63 -7.44 -0.37
C LYS A 43 -6.72 -8.79 0.34
N SER A 44 -6.09 -9.80 -0.19
CA SER A 44 -6.13 -11.13 0.48
C SER A 44 -5.38 -11.01 1.81
N PHE A 45 -4.41 -10.12 1.86
CA PHE A 45 -3.64 -9.93 3.12
C PHE A 45 -4.50 -9.12 4.08
N LEU A 46 -5.02 -8.02 3.60
CA LEU A 46 -5.87 -7.18 4.48
C LEU A 46 -6.96 -8.03 5.12
N GLY A 47 -7.86 -7.42 5.83
CA GLY A 47 -8.97 -8.19 6.46
C GLY A 47 -10.21 -8.08 5.57
N GLY A 1 2.30 1.82 -12.24
CA GLY A 1 1.12 1.42 -11.42
C GLY A 1 1.46 0.22 -10.53
N ASN A 2 1.23 0.33 -9.25
CA ASN A 2 1.51 -0.79 -8.34
C ASN A 2 0.41 -0.89 -7.29
N PHE A 3 0.33 -1.99 -6.60
CA PHE A 3 -0.73 -2.12 -5.56
C PHE A 3 -0.08 -1.90 -4.20
N TYR A 4 -0.68 -1.15 -3.32
CA TYR A 4 -0.03 -0.94 -2.00
C TYR A 4 -1.03 -0.99 -0.86
N ALA A 5 -0.90 -1.95 0.01
CA ALA A 5 -1.84 -2.01 1.16
C ALA A 5 -1.33 -0.99 2.18
N VAL A 6 -1.95 0.16 2.25
CA VAL A 6 -1.42 1.20 3.17
C VAL A 6 -2.50 2.08 3.78
N ARG A 7 -2.18 2.72 4.88
CA ARG A 7 -3.14 3.63 5.53
C ARG A 7 -2.54 4.18 6.84
N LYS A 8 -1.58 3.51 7.40
CA LYS A 8 -0.97 3.99 8.67
C LYS A 8 -1.92 3.71 9.83
N GLY A 9 -1.53 2.86 10.74
CA GLY A 9 -2.40 2.52 11.89
C GLY A 9 -2.87 1.08 11.75
N ARG A 10 -4.16 0.87 11.64
CA ARG A 10 -4.68 -0.51 11.49
C ARG A 10 -5.57 -0.58 10.25
N GLU A 11 -6.55 0.28 10.16
CA GLU A 11 -7.43 0.27 8.96
C GLU A 11 -6.57 0.54 7.72
N THR A 12 -5.98 -0.50 7.17
CA THR A 12 -5.13 -0.31 5.96
C THR A 12 -5.99 -0.16 4.71
N GLY A 13 -5.42 0.38 3.66
CA GLY A 13 -6.18 0.55 2.40
C GLY A 13 -5.34 -0.06 1.29
N ILE A 14 -5.63 0.21 0.04
CA ILE A 14 -4.81 -0.37 -1.04
C ILE A 14 -4.74 0.54 -2.25
N TYR A 15 -3.56 0.95 -2.63
CA TYR A 15 -3.42 1.81 -3.84
C TYR A 15 -3.22 0.92 -5.05
N ASN A 16 -3.17 1.51 -6.20
CA ASN A 16 -2.97 0.74 -7.44
C ASN A 16 -2.36 1.69 -8.47
N THR A 17 -1.23 2.24 -8.16
CA THR A 17 -0.59 3.20 -9.08
C THR A 17 0.89 3.33 -8.73
N TRP A 18 1.69 3.84 -9.63
CA TRP A 18 3.12 4.02 -9.29
C TRP A 18 3.21 5.27 -8.41
N ASN A 19 2.48 6.29 -8.82
CA ASN A 19 2.47 7.55 -8.03
C ASN A 19 1.87 7.26 -6.66
N GLU A 20 0.67 6.75 -6.63
CA GLU A 20 0.03 6.43 -5.33
C GLU A 20 1.04 5.69 -4.46
N CYS A 21 1.84 4.84 -5.06
CA CYS A 21 2.84 4.08 -4.25
C CYS A 21 3.89 5.02 -3.70
N LYS A 22 4.44 5.84 -4.53
CA LYS A 22 5.46 6.77 -4.07
C LYS A 22 4.79 7.93 -3.32
N ASN A 23 3.60 8.28 -3.69
CA ASN A 23 2.89 9.38 -2.98
C ASN A 23 2.66 8.97 -1.54
N GLN A 24 2.22 7.75 -1.34
CA GLN A 24 1.98 7.28 0.04
C GLN A 24 3.32 7.01 0.73
N VAL A 25 4.34 6.62 -0.02
CA VAL A 25 5.65 6.37 0.64
C VAL A 25 6.80 6.81 -0.27
N ASP A 26 7.13 8.08 -0.25
CA ASP A 26 8.26 8.57 -1.09
C ASP A 26 9.36 9.11 -0.17
N GLY A 27 9.90 8.28 0.67
CA GLY A 27 10.97 8.75 1.61
C GLY A 27 10.61 8.34 3.04
N TYR A 28 10.07 7.17 3.22
CA TYR A 28 9.69 6.71 4.58
C TYR A 28 10.46 5.44 4.93
N GLY A 29 11.41 5.53 5.80
CA GLY A 29 12.21 4.32 6.18
C GLY A 29 11.38 3.42 7.10
N GLY A 30 10.35 3.95 7.69
CA GLY A 30 9.52 3.11 8.62
C GLY A 30 8.04 3.40 8.42
N ALA A 31 7.63 3.72 7.22
CA ALA A 31 6.19 3.99 6.97
C ALA A 31 5.41 2.68 6.97
N ILE A 32 4.13 2.72 7.19
CA ILE A 32 3.36 1.46 7.14
C ILE A 32 2.86 1.28 5.72
N TYR A 33 3.08 0.14 5.16
CA TYR A 33 2.62 -0.09 3.77
C TYR A 33 3.05 -1.47 3.27
N LYS A 34 2.10 -2.33 3.00
CA LYS A 34 2.45 -3.68 2.49
C LYS A 34 2.37 -3.65 0.96
N LYS A 35 3.46 -3.35 0.31
CA LYS A 35 3.44 -3.29 -1.19
C LYS A 35 2.76 -4.55 -1.74
N PHE A 36 2.23 -4.46 -2.93
CA PHE A 36 1.55 -5.64 -3.53
C PHE A 36 1.50 -5.51 -5.05
N ASN A 37 1.32 -6.62 -5.70
CA ASN A 37 1.24 -6.61 -7.18
C ASN A 37 -0.05 -7.31 -7.59
N SER A 38 -1.08 -7.11 -6.84
CA SER A 38 -2.37 -7.78 -7.14
C SER A 38 -3.38 -7.43 -6.05
N TYR A 39 -4.20 -6.43 -6.29
CA TYR A 39 -5.21 -6.02 -5.28
C TYR A 39 -5.79 -7.25 -4.58
N GLU A 40 -5.81 -8.37 -5.26
CA GLU A 40 -6.36 -9.62 -4.65
C GLU A 40 -5.49 -10.02 -3.46
N GLN A 41 -4.19 -9.94 -3.59
CA GLN A 41 -3.29 -10.32 -2.47
C GLN A 41 -3.30 -9.21 -1.43
N ALA A 42 -3.07 -8.01 -1.88
CA ALA A 42 -3.08 -6.87 -0.95
C ALA A 42 -4.36 -6.91 -0.15
N LYS A 43 -5.47 -7.00 -0.81
CA LYS A 43 -6.78 -7.05 -0.10
C LYS A 43 -6.79 -8.28 0.82
N SER A 44 -6.47 -9.43 0.29
CA SER A 44 -6.44 -10.66 1.12
C SER A 44 -5.70 -10.35 2.43
N PHE A 45 -4.64 -9.58 2.35
CA PHE A 45 -3.88 -9.24 3.59
C PHE A 45 -4.66 -8.20 4.36
N LEU A 46 -5.39 -7.35 3.68
CA LEU A 46 -6.17 -6.30 4.37
C LEU A 46 -7.12 -6.94 5.38
N GLY A 47 -8.31 -7.29 4.95
CA GLY A 47 -9.28 -7.91 5.90
C GLY A 47 -10.15 -8.97 5.19
N GLY A 1 2.04 2.14 -12.04
CA GLY A 1 2.82 1.91 -10.80
C GLY A 1 2.49 0.54 -10.22
N ASN A 2 1.80 0.50 -9.11
CA ASN A 2 1.46 -0.82 -8.52
C ASN A 2 0.33 -0.70 -7.51
N PHE A 3 0.09 -1.75 -6.78
CA PHE A 3 -0.98 -1.72 -5.76
C PHE A 3 -0.34 -1.48 -4.40
N TYR A 4 -1.00 -0.82 -3.48
CA TYR A 4 -0.34 -0.59 -2.16
C TYR A 4 -1.31 -0.66 -1.00
N ALA A 5 -1.24 -1.69 -0.20
CA ALA A 5 -2.12 -1.76 1.01
C ALA A 5 -1.45 -0.86 2.04
N VAL A 6 -2.00 0.28 2.30
CA VAL A 6 -1.30 1.22 3.23
C VAL A 6 -2.28 2.01 4.11
N ARG A 7 -1.80 2.55 5.21
CA ARG A 7 -2.70 3.34 6.08
C ARG A 7 -1.90 3.97 7.23
N LYS A 8 -1.07 3.21 7.87
CA LYS A 8 -0.27 3.74 9.02
C LYS A 8 -1.18 3.83 10.24
N GLY A 9 -2.15 2.96 10.33
CA GLY A 9 -3.09 2.98 11.50
C GLY A 9 -3.61 1.56 11.75
N ARG A 10 -4.88 1.34 11.60
CA ARG A 10 -5.44 -0.03 11.81
C ARG A 10 -5.69 -0.70 10.46
N GLU A 11 -6.87 -0.53 9.92
CA GLU A 11 -7.16 -1.15 8.59
C GLU A 11 -6.16 -0.63 7.55
N THR A 12 -6.50 -0.67 6.30
CA THR A 12 -5.55 -0.16 5.27
C THR A 12 -6.25 0.08 3.94
N GLY A 13 -5.59 0.73 3.02
CA GLY A 13 -6.21 1.00 1.70
C GLY A 13 -5.24 0.58 0.60
N ILE A 14 -5.70 -0.21 -0.33
CA ILE A 14 -4.80 -0.68 -1.42
C ILE A 14 -4.82 0.29 -2.60
N TYR A 15 -3.73 0.94 -2.86
CA TYR A 15 -3.69 1.87 -4.02
C TYR A 15 -3.42 1.04 -5.26
N ASN A 16 -3.24 1.72 -6.36
CA ASN A 16 -2.98 1.02 -7.63
C ASN A 16 -2.37 2.06 -8.58
N THR A 17 -1.23 2.58 -8.23
CA THR A 17 -0.62 3.63 -9.08
C THR A 17 0.87 3.76 -8.78
N TRP A 18 1.55 4.52 -9.58
CA TRP A 18 2.99 4.77 -9.30
C TRP A 18 3.06 5.84 -8.23
N ASN A 19 2.35 6.91 -8.47
CA ASN A 19 2.32 8.03 -7.50
C ASN A 19 1.67 7.56 -6.21
N GLU A 20 0.44 7.12 -6.28
CA GLU A 20 -0.24 6.63 -5.05
C GLU A 20 0.75 5.76 -4.28
N CYS A 21 1.49 4.96 -4.99
CA CYS A 21 2.48 4.07 -4.34
C CYS A 21 3.57 4.92 -3.69
N LYS A 22 4.56 5.23 -4.43
CA LYS A 22 5.67 6.06 -3.92
C LYS A 22 5.13 7.28 -3.17
N ASN A 23 4.23 8.02 -3.77
CA ASN A 23 3.68 9.21 -3.09
C ASN A 23 3.18 8.82 -1.70
N GLN A 24 2.37 7.80 -1.60
CA GLN A 24 1.88 7.38 -0.27
C GLN A 24 3.03 6.81 0.55
N VAL A 25 4.09 6.43 -0.10
CA VAL A 25 5.26 5.87 0.64
C VAL A 25 6.54 6.07 -0.18
N ASP A 26 7.11 7.24 -0.10
CA ASP A 26 8.37 7.51 -0.86
C ASP A 26 9.46 7.93 0.13
N GLY A 27 10.43 7.09 0.34
CA GLY A 27 11.50 7.42 1.32
C GLY A 27 11.11 6.86 2.69
N TYR A 28 10.06 7.39 3.26
CA TYR A 28 9.55 6.91 4.59
C TYR A 28 10.63 6.18 5.39
N GLY A 29 11.20 6.82 6.36
CA GLY A 29 12.24 6.14 7.18
C GLY A 29 11.71 4.79 7.65
N GLY A 30 10.42 4.64 7.70
CA GLY A 30 9.81 3.35 8.15
C GLY A 30 8.29 3.46 8.08
N ALA A 31 7.76 3.68 6.91
CA ALA A 31 6.28 3.80 6.77
C ALA A 31 5.62 2.43 6.87
N ILE A 32 4.37 2.40 7.26
CA ILE A 32 3.67 1.11 7.31
C ILE A 32 3.09 0.85 5.93
N TYR A 33 3.24 -0.30 5.41
CA TYR A 33 2.64 -0.55 4.09
C TYR A 33 2.83 -1.99 3.63
N LYS A 34 1.96 -2.43 2.76
CA LYS A 34 2.05 -3.80 2.21
C LYS A 34 1.98 -3.69 0.68
N LYS A 35 3.10 -3.43 0.05
CA LYS A 35 3.10 -3.28 -1.42
C LYS A 35 2.50 -4.53 -2.06
N PHE A 36 1.86 -4.38 -3.19
CA PHE A 36 1.25 -5.57 -3.83
C PHE A 36 1.05 -5.36 -5.32
N ASN A 37 0.88 -6.44 -6.02
CA ASN A 37 0.65 -6.37 -7.48
C ASN A 37 -0.56 -7.23 -7.80
N SER A 38 -1.58 -7.14 -6.98
CA SER A 38 -2.80 -7.95 -7.21
C SER A 38 -3.78 -7.69 -6.07
N TYR A 39 -4.73 -6.83 -6.32
CA TYR A 39 -5.74 -6.49 -5.27
C TYR A 39 -6.11 -7.73 -4.44
N GLU A 40 -6.00 -8.90 -5.01
CA GLU A 40 -6.35 -10.13 -4.25
C GLU A 40 -5.33 -10.40 -3.15
N GLN A 41 -4.07 -10.20 -3.41
CA GLN A 41 -3.05 -10.44 -2.38
C GLN A 41 -3.14 -9.30 -1.38
N ALA A 42 -3.05 -8.11 -1.87
CA ALA A 42 -3.16 -6.93 -0.99
C ALA A 42 -4.44 -7.06 -0.18
N LYS A 43 -5.53 -7.34 -0.84
CA LYS A 43 -6.83 -7.49 -0.12
C LYS A 43 -6.67 -8.51 1.00
N SER A 44 -6.43 -9.74 0.64
CA SER A 44 -6.28 -10.79 1.68
C SER A 44 -5.42 -10.27 2.83
N PHE A 45 -4.43 -9.47 2.54
CA PHE A 45 -3.57 -8.93 3.63
C PHE A 45 -4.31 -7.82 4.36
N LEU A 46 -5.12 -7.07 3.65
CA LEU A 46 -5.87 -5.98 4.29
C LEU A 46 -6.58 -6.50 5.54
N GLY A 47 -7.82 -6.85 5.44
CA GLY A 47 -8.56 -7.36 6.62
C GLY A 47 -9.48 -8.51 6.21
N GLY A 1 2.33 1.75 -12.57
CA GLY A 1 1.98 1.95 -11.13
C GLY A 1 1.68 0.60 -10.49
N ASN A 2 1.58 0.55 -9.20
CA ASN A 2 1.31 -0.75 -8.53
C ASN A 2 0.23 -0.61 -7.47
N PHE A 3 0.05 -1.65 -6.72
CA PHE A 3 -0.96 -1.63 -5.62
C PHE A 3 -0.23 -1.41 -4.30
N TYR A 4 -0.87 -0.86 -3.31
CA TYR A 4 -0.12 -0.66 -2.03
C TYR A 4 -1.01 -0.78 -0.80
N ALA A 5 -0.88 -1.85 -0.06
CA ALA A 5 -1.67 -1.98 1.18
C ALA A 5 -0.94 -1.14 2.23
N VAL A 6 -1.34 0.09 2.37
CA VAL A 6 -0.61 1.01 3.28
C VAL A 6 -1.48 1.47 4.46
N ARG A 7 -0.86 2.08 5.43
CA ARG A 7 -1.61 2.61 6.60
C ARG A 7 -2.19 1.45 7.42
N LYS A 8 -1.35 0.71 8.08
CA LYS A 8 -1.85 -0.44 8.90
C LYS A 8 -2.55 0.11 10.16
N GLY A 9 -2.45 1.39 10.39
CA GLY A 9 -3.11 1.97 11.60
C GLY A 9 -4.58 1.52 11.66
N ARG A 10 -5.42 2.10 10.85
CA ARG A 10 -6.86 1.72 10.87
C ARG A 10 -7.30 1.32 9.46
N GLU A 11 -7.53 0.05 9.23
CA GLU A 11 -7.97 -0.39 7.88
C GLU A 11 -6.94 0.06 6.83
N THR A 12 -6.01 -0.79 6.50
CA THR A 12 -4.98 -0.41 5.49
C THR A 12 -5.67 -0.04 4.18
N GLY A 13 -5.09 0.85 3.40
CA GLY A 13 -5.73 1.24 2.12
C GLY A 13 -4.86 0.76 0.96
N ILE A 14 -5.39 -0.07 0.11
CA ILE A 14 -4.59 -0.58 -1.02
C ILE A 14 -4.64 0.40 -2.20
N TYR A 15 -3.53 1.01 -2.50
CA TYR A 15 -3.52 1.96 -3.66
C TYR A 15 -3.35 1.13 -4.92
N ASN A 16 -3.26 1.80 -6.03
CA ASN A 16 -3.11 1.09 -7.31
C ASN A 16 -2.59 2.10 -8.32
N THR A 17 -1.43 2.61 -8.08
CA THR A 17 -0.87 3.62 -8.99
C THR A 17 0.65 3.70 -8.81
N TRP A 18 1.33 4.33 -9.72
CA TRP A 18 2.79 4.47 -9.55
C TRP A 18 3.00 5.59 -8.52
N ASN A 19 2.32 6.67 -8.74
CA ASN A 19 2.42 7.83 -7.81
C ASN A 19 1.86 7.44 -6.45
N GLU A 20 0.60 7.05 -6.41
CA GLU A 20 -0.01 6.63 -5.12
C GLU A 20 1.00 5.77 -4.37
N CYS A 21 1.70 4.95 -5.09
CA CYS A 21 2.72 4.08 -4.44
C CYS A 21 3.81 4.95 -3.83
N LYS A 22 4.81 5.22 -4.59
CA LYS A 22 5.91 6.07 -4.12
C LYS A 22 5.37 7.33 -3.44
N ASN A 23 4.47 8.02 -4.09
CA ASN A 23 3.90 9.25 -3.46
C ASN A 23 3.45 8.94 -2.03
N GLN A 24 2.73 7.87 -1.84
CA GLN A 24 2.28 7.51 -0.47
C GLN A 24 3.50 7.15 0.37
N VAL A 25 4.54 6.66 -0.25
CA VAL A 25 5.75 6.28 0.53
C VAL A 25 6.99 6.39 -0.36
N ASP A 26 7.51 7.57 -0.54
CA ASP A 26 8.73 7.74 -1.38
C ASP A 26 9.84 8.34 -0.53
N GLY A 27 10.31 7.61 0.45
CA GLY A 27 11.39 8.14 1.32
C GLY A 27 10.94 8.07 2.78
N TYR A 28 10.21 7.06 3.13
CA TYR A 28 9.72 6.94 4.52
C TYR A 28 10.34 5.70 5.19
N GLY A 29 11.37 5.90 5.96
CA GLY A 29 12.02 4.73 6.63
C GLY A 29 11.14 4.27 7.81
N GLY A 30 10.21 5.08 8.20
CA GLY A 30 9.33 4.69 9.34
C GLY A 30 7.92 4.37 8.82
N ALA A 31 7.55 4.93 7.70
CA ALA A 31 6.19 4.65 7.16
C ALA A 31 5.90 3.16 7.18
N ILE A 32 4.66 2.80 7.28
CA ILE A 32 4.33 1.37 7.24
C ILE A 32 3.63 1.11 5.92
N TYR A 33 3.98 0.07 5.25
CA TYR A 33 3.29 -0.18 3.96
C TYR A 33 3.73 -1.49 3.33
N LYS A 34 2.78 -2.23 2.80
CA LYS A 34 3.09 -3.52 2.14
C LYS A 34 2.70 -3.40 0.66
N LYS A 35 3.67 -3.24 -0.19
CA LYS A 35 3.36 -3.10 -1.64
C LYS A 35 2.57 -4.31 -2.11
N PHE A 36 1.94 -4.20 -3.26
CA PHE A 36 1.14 -5.33 -3.77
C PHE A 36 0.93 -5.20 -5.27
N ASN A 37 0.59 -6.26 -5.92
CA ASN A 37 0.36 -6.22 -7.38
C ASN A 37 -0.90 -7.01 -7.70
N SER A 38 -1.89 -6.91 -6.85
CA SER A 38 -3.15 -7.65 -7.06
C SER A 38 -4.03 -7.50 -5.82
N TYR A 39 -4.96 -6.60 -5.87
CA TYR A 39 -5.86 -6.37 -4.70
C TYR A 39 -6.13 -7.70 -3.98
N GLU A 40 -6.37 -8.74 -4.72
CA GLU A 40 -6.65 -10.07 -4.08
C GLU A 40 -5.62 -10.35 -2.98
N GLN A 41 -4.37 -10.12 -3.25
CA GLN A 41 -3.34 -10.37 -2.22
C GLN A 41 -3.35 -9.22 -1.24
N ALA A 42 -3.27 -8.03 -1.75
CA ALA A 42 -3.32 -6.85 -0.87
C ALA A 42 -4.54 -6.96 0.05
N LYS A 43 -5.68 -7.22 -0.51
CA LYS A 43 -6.91 -7.38 0.31
C LYS A 43 -6.68 -8.50 1.30
N SER A 44 -6.27 -9.64 0.82
CA SER A 44 -6.01 -10.79 1.72
C SER A 44 -5.27 -10.28 2.96
N PHE A 45 -4.33 -9.39 2.77
CA PHE A 45 -3.59 -8.83 3.93
C PHE A 45 -4.49 -7.82 4.63
N LEU A 46 -5.29 -7.11 3.87
CA LEU A 46 -6.19 -6.11 4.47
C LEU A 46 -7.32 -6.81 5.22
N GLY A 47 -8.30 -7.28 4.52
CA GLY A 47 -9.44 -7.98 5.18
C GLY A 47 -8.89 -9.14 6.04
N GLY A 1 2.44 2.20 -11.83
CA GLY A 1 1.18 1.65 -11.26
C GLY A 1 1.46 0.40 -10.42
N ASN A 2 1.51 0.55 -9.11
CA ASN A 2 1.75 -0.62 -8.24
C ASN A 2 0.62 -0.73 -7.23
N PHE A 3 0.45 -1.89 -6.65
CA PHE A 3 -0.63 -2.05 -5.64
C PHE A 3 0.01 -1.99 -4.26
N TYR A 4 -0.63 -1.38 -3.30
CA TYR A 4 0.01 -1.31 -1.96
C TYR A 4 -0.98 -1.55 -0.83
N ALA A 5 -0.84 -2.65 -0.14
CA ALA A 5 -1.73 -2.91 1.01
C ALA A 5 -1.18 -2.10 2.16
N VAL A 6 -1.59 -0.88 2.29
CA VAL A 6 -1.01 0.00 3.34
C VAL A 6 -1.96 0.22 4.51
N ARG A 7 -1.42 0.58 5.64
CA ARG A 7 -2.26 0.85 6.82
C ARG A 7 -1.48 1.67 7.86
N LYS A 8 -0.71 2.63 7.41
CA LYS A 8 0.07 3.46 8.36
C LYS A 8 -0.84 3.94 9.51
N GLY A 9 -1.41 5.10 9.39
CA GLY A 9 -2.31 5.62 10.47
C GLY A 9 -3.47 4.66 10.68
N ARG A 10 -4.55 5.13 11.25
CA ARG A 10 -5.73 4.26 11.48
C ARG A 10 -6.34 3.86 10.13
N GLU A 11 -6.04 4.60 9.09
CA GLU A 11 -6.61 4.26 7.76
C GLU A 11 -5.88 3.06 7.18
N THR A 12 -6.57 2.26 6.41
CA THR A 12 -5.92 1.07 5.80
C THR A 12 -6.60 0.74 4.48
N GLY A 13 -5.83 0.62 3.42
CA GLY A 13 -6.45 0.30 2.11
C GLY A 13 -5.37 -0.11 1.12
N ILE A 14 -5.74 -0.56 -0.04
CA ILE A 14 -4.73 -0.99 -1.03
C ILE A 14 -4.68 -0.02 -2.20
N TYR A 15 -3.54 0.58 -2.41
CA TYR A 15 -3.40 1.54 -3.55
C TYR A 15 -3.14 0.76 -4.82
N ASN A 16 -3.00 1.45 -5.92
CA ASN A 16 -2.76 0.77 -7.19
C ASN A 16 -2.24 1.81 -8.20
N THR A 17 -1.11 2.37 -7.91
CA THR A 17 -0.54 3.41 -8.81
C THR A 17 0.94 3.56 -8.54
N TRP A 18 1.69 4.13 -9.44
CA TRP A 18 3.13 4.34 -9.13
C TRP A 18 3.19 5.55 -8.21
N ASN A 19 2.47 6.57 -8.57
CA ASN A 19 2.44 7.81 -7.75
C ASN A 19 1.88 7.45 -6.37
N GLU A 20 0.68 6.93 -6.34
CA GLU A 20 0.07 6.55 -5.05
C GLU A 20 1.08 5.75 -4.23
N CYS A 21 1.92 4.99 -4.87
CA CYS A 21 2.92 4.19 -4.10
C CYS A 21 3.90 5.12 -3.42
N LYS A 22 4.41 6.07 -4.13
CA LYS A 22 5.34 7.01 -3.53
C LYS A 22 4.53 8.03 -2.71
N ASN A 23 3.47 8.53 -3.27
CA ASN A 23 2.61 9.50 -2.54
C ASN A 23 2.21 8.89 -1.21
N GLN A 24 1.79 7.66 -1.21
CA GLN A 24 1.39 7.00 0.05
C GLN A 24 2.64 6.82 0.92
N VAL A 25 3.75 6.49 0.31
CA VAL A 25 4.99 6.29 1.11
C VAL A 25 6.20 6.83 0.35
N ASP A 26 6.35 8.13 0.30
CA ASP A 26 7.51 8.72 -0.42
C ASP A 26 8.37 9.48 0.60
N GLY A 27 9.39 8.85 1.13
CA GLY A 27 10.26 9.52 2.12
C GLY A 27 10.12 8.83 3.47
N TYR A 28 9.46 7.71 3.51
CA TYR A 28 9.28 6.97 4.79
C TYR A 28 10.24 5.79 4.84
N GLY A 29 11.15 5.79 5.78
CA GLY A 29 12.12 4.66 5.88
C GLY A 29 11.45 3.42 6.47
N GLY A 30 10.90 3.52 7.64
CA GLY A 30 10.25 2.32 8.26
C GLY A 30 8.73 2.47 8.25
N ALA A 31 8.19 3.19 7.31
CA ALA A 31 6.71 3.35 7.25
C ALA A 31 6.05 1.97 7.23
N ILE A 32 4.75 1.94 7.36
CA ILE A 32 4.06 0.64 7.30
C ILE A 32 3.44 0.49 5.92
N TYR A 33 3.58 -0.63 5.31
CA TYR A 33 2.96 -0.81 3.98
C TYR A 33 3.35 -2.17 3.38
N LYS A 34 2.36 -2.97 3.06
CA LYS A 34 2.64 -4.30 2.45
C LYS A 34 2.52 -4.18 0.93
N LYS A 35 3.60 -3.88 0.27
CA LYS A 35 3.54 -3.72 -1.22
C LYS A 35 2.76 -4.87 -1.84
N PHE A 36 2.18 -4.63 -2.98
CA PHE A 36 1.39 -5.70 -3.65
C PHE A 36 1.26 -5.39 -5.14
N ASN A 37 0.96 -6.40 -5.91
CA ASN A 37 0.80 -6.23 -7.36
C ASN A 37 -0.43 -7.00 -7.81
N SER A 38 -1.38 -7.17 -6.93
CA SER A 38 -2.61 -7.92 -7.26
C SER A 38 -3.67 -7.61 -6.21
N TYR A 39 -4.44 -6.59 -6.44
CA TYR A 39 -5.51 -6.21 -5.46
C TYR A 39 -6.12 -7.46 -4.81
N GLU A 40 -6.14 -8.55 -5.51
CA GLU A 40 -6.71 -9.80 -4.92
C GLU A 40 -5.80 -10.33 -3.82
N GLN A 41 -4.51 -10.26 -3.99
CA GLN A 41 -3.59 -10.74 -2.95
C GLN A 41 -3.57 -9.72 -1.83
N ALA A 42 -3.27 -8.50 -2.17
CA ALA A 42 -3.26 -7.44 -1.16
C ALA A 42 -4.57 -7.51 -0.39
N LYS A 43 -5.67 -7.55 -1.10
CA LYS A 43 -6.99 -7.61 -0.43
C LYS A 43 -7.02 -8.80 0.52
N SER A 44 -6.95 -9.99 0.00
CA SER A 44 -6.97 -11.18 0.88
C SER A 44 -5.96 -10.98 2.01
N PHE A 45 -4.98 -10.13 1.79
CA PHE A 45 -3.96 -9.87 2.84
C PHE A 45 -4.57 -8.95 3.89
N LEU A 46 -5.21 -7.90 3.47
CA LEU A 46 -5.82 -6.97 4.44
C LEU A 46 -6.62 -7.75 5.48
N GLY A 47 -7.13 -8.90 5.12
CA GLY A 47 -7.91 -9.70 6.10
C GLY A 47 -9.32 -9.97 5.54
N GLY A 1 2.18 2.05 -12.16
CA GLY A 1 1.00 1.66 -11.34
C GLY A 1 1.36 0.48 -10.43
N ASN A 2 1.03 0.57 -9.17
CA ASN A 2 1.33 -0.55 -8.25
C ASN A 2 0.22 -0.66 -7.21
N PHE A 3 0.17 -1.75 -6.49
CA PHE A 3 -0.89 -1.89 -5.45
C PHE A 3 -0.27 -1.63 -4.09
N TYR A 4 -0.91 -0.87 -3.24
CA TYR A 4 -0.27 -0.63 -1.91
C TYR A 4 -1.25 -0.67 -0.75
N ALA A 5 -1.15 -1.68 0.08
CA ALA A 5 -2.03 -1.76 1.28
C ALA A 5 -1.39 -0.84 2.33
N VAL A 6 -1.97 0.29 2.59
CA VAL A 6 -1.29 1.23 3.54
C VAL A 6 -2.27 1.91 4.51
N ARG A 7 -1.79 2.34 5.66
CA ARG A 7 -2.69 3.04 6.62
C ARG A 7 -1.89 3.52 7.85
N LYS A 8 -0.87 2.82 8.24
CA LYS A 8 -0.06 3.23 9.42
C LYS A 8 -1.00 3.69 10.55
N GLY A 9 -2.11 3.03 10.70
CA GLY A 9 -3.08 3.42 11.76
C GLY A 9 -3.99 2.23 12.07
N ARG A 10 -5.04 2.06 11.30
CA ARG A 10 -5.97 0.91 11.56
C ARG A 10 -6.77 0.60 10.28
N GLU A 11 -7.28 1.60 9.62
CA GLU A 11 -8.08 1.35 8.38
C GLU A 11 -7.27 0.48 7.40
N THR A 12 -6.53 1.13 6.51
CA THR A 12 -5.70 0.40 5.49
C THR A 12 -6.39 0.44 4.13
N GLY A 13 -5.74 1.00 3.15
CA GLY A 13 -6.36 1.06 1.80
C GLY A 13 -5.34 0.63 0.76
N ILE A 14 -5.75 -0.11 -0.21
CA ILE A 14 -4.80 -0.58 -1.25
C ILE A 14 -4.81 0.36 -2.46
N TYR A 15 -3.71 1.00 -2.73
CA TYR A 15 -3.67 1.91 -3.92
C TYR A 15 -3.44 1.05 -5.15
N ASN A 16 -3.42 1.67 -6.29
CA ASN A 16 -3.21 0.95 -7.54
C ASN A 16 -2.55 1.92 -8.52
N THR A 17 -1.42 2.44 -8.14
CA THR A 17 -0.73 3.43 -8.99
C THR A 17 0.74 3.48 -8.58
N TRP A 18 1.61 3.94 -9.43
CA TRP A 18 3.03 4.03 -9.01
C TRP A 18 3.14 5.27 -8.14
N ASN A 19 2.44 6.32 -8.51
CA ASN A 19 2.46 7.56 -7.72
C ASN A 19 1.83 7.29 -6.37
N GLU A 20 0.61 6.84 -6.37
CA GLU A 20 -0.06 6.53 -5.07
C GLU A 20 0.92 5.71 -4.24
N CYS A 21 1.57 4.77 -4.87
CA CYS A 21 2.54 3.92 -4.14
C CYS A 21 3.66 4.81 -3.60
N LYS A 22 4.59 5.12 -4.44
CA LYS A 22 5.72 5.97 -4.03
C LYS A 22 5.20 7.22 -3.30
N ASN A 23 4.38 7.99 -3.96
CA ASN A 23 3.84 9.23 -3.32
C ASN A 23 3.41 8.92 -1.89
N GLN A 24 2.71 7.83 -1.71
CA GLN A 24 2.24 7.48 -0.34
C GLN A 24 3.44 7.00 0.49
N VAL A 25 4.46 6.50 -0.16
CA VAL A 25 5.65 6.03 0.59
C VAL A 25 6.91 6.23 -0.25
N ASP A 26 7.30 7.46 -0.47
CA ASP A 26 8.53 7.72 -1.29
C ASP A 26 9.66 8.19 -0.37
N GLY A 27 9.31 8.74 0.75
CA GLY A 27 10.34 9.24 1.70
C GLY A 27 10.03 8.71 3.11
N TYR A 28 9.85 7.43 3.24
CA TYR A 28 9.54 6.86 4.57
C TYR A 28 10.61 5.84 4.96
N GLY A 29 11.44 6.19 5.92
CA GLY A 29 12.51 5.25 6.36
C GLY A 29 11.96 3.83 6.48
N GLY A 30 11.00 3.63 7.34
CA GLY A 30 10.42 2.27 7.49
C GLY A 30 8.91 2.38 7.71
N ALA A 31 8.20 2.90 6.73
CA ALA A 31 6.73 3.04 6.87
C ALA A 31 6.10 1.66 7.06
N ILE A 32 4.82 1.63 7.31
CA ILE A 32 4.10 0.33 7.51
C ILE A 32 3.74 -0.27 6.17
N TYR A 33 3.33 0.59 5.28
CA TYR A 33 2.87 0.20 3.92
C TYR A 33 3.17 -1.27 3.58
N LYS A 34 2.19 -1.93 3.03
CA LYS A 34 2.35 -3.35 2.61
C LYS A 34 2.24 -3.36 1.09
N LYS A 35 3.34 -3.14 0.43
CA LYS A 35 3.33 -3.08 -1.05
C LYS A 35 2.69 -4.34 -1.64
N PHE A 36 2.09 -4.21 -2.79
CA PHE A 36 1.45 -5.39 -3.44
C PHE A 36 1.31 -5.15 -4.93
N ASN A 37 1.15 -6.19 -5.68
CA ASN A 37 1.01 -6.05 -7.15
C ASN A 37 -0.18 -6.88 -7.60
N SER A 38 -1.19 -6.93 -6.78
CA SER A 38 -2.39 -7.72 -7.14
C SER A 38 -3.39 -7.62 -5.99
N TYR A 39 -4.33 -6.72 -6.11
CA TYR A 39 -5.35 -6.53 -5.02
C TYR A 39 -5.67 -7.87 -4.37
N GLU A 40 -5.62 -8.94 -5.12
CA GLU A 40 -5.92 -10.28 -4.54
C GLU A 40 -5.01 -10.52 -3.33
N GLN A 41 -3.75 -10.23 -3.45
CA GLN A 41 -2.84 -10.45 -2.31
C GLN A 41 -3.01 -9.30 -1.33
N ALA A 42 -2.94 -8.11 -1.81
CA ALA A 42 -3.13 -6.93 -0.92
C ALA A 42 -4.43 -7.12 -0.15
N LYS A 43 -5.49 -7.41 -0.85
CA LYS A 43 -6.80 -7.62 -0.16
C LYS A 43 -6.64 -8.81 0.79
N SER A 44 -6.05 -9.88 0.31
CA SER A 44 -5.86 -11.07 1.16
C SER A 44 -5.32 -10.62 2.53
N PHE A 45 -4.36 -9.75 2.55
CA PHE A 45 -3.82 -9.28 3.85
C PHE A 45 -4.80 -8.29 4.46
N LEU A 46 -5.46 -7.53 3.63
CA LEU A 46 -6.42 -6.53 4.14
C LEU A 46 -7.59 -7.23 4.82
N GLY A 47 -8.46 -7.81 4.06
CA GLY A 47 -9.63 -8.53 4.65
C GLY A 47 -9.16 -9.85 5.27
N GLY A 1 2.66 1.61 -12.09
CA GLY A 1 1.35 1.19 -11.52
C GLY A 1 1.54 -0.02 -10.59
N ASN A 2 1.63 0.21 -9.31
CA ASN A 2 1.80 -0.92 -8.38
C ASN A 2 0.69 -0.90 -7.34
N PHE A 3 0.44 -2.02 -6.72
CA PHE A 3 -0.62 -2.06 -5.68
C PHE A 3 0.05 -1.84 -4.33
N TYR A 4 -0.57 -1.13 -3.44
CA TYR A 4 0.09 -0.91 -2.12
C TYR A 4 -0.91 -0.96 -1.00
N ALA A 5 -0.85 -1.96 -0.16
CA ALA A 5 -1.80 -2.00 0.99
C ALA A 5 -1.23 -1.02 2.02
N VAL A 6 -1.75 0.18 2.03
CA VAL A 6 -1.16 1.20 2.94
C VAL A 6 -2.23 2.18 3.44
N ARG A 7 -2.00 2.76 4.61
CA ARG A 7 -2.95 3.76 5.17
C ARG A 7 -2.80 3.80 6.70
N LYS A 8 -1.61 3.61 7.21
CA LYS A 8 -1.43 3.65 8.69
C LYS A 8 -2.38 2.63 9.34
N GLY A 9 -2.15 2.30 10.58
CA GLY A 9 -3.04 1.31 11.26
C GLY A 9 -2.64 -0.11 10.85
N ARG A 10 -3.52 -1.05 11.03
CA ARG A 10 -3.21 -2.46 10.65
C ARG A 10 -3.78 -2.76 9.26
N GLU A 11 -5.08 -2.72 9.13
CA GLU A 11 -5.70 -3.01 7.80
C GLU A 11 -5.20 -1.99 6.77
N THR A 12 -5.19 -0.74 7.11
CA THR A 12 -4.72 0.30 6.15
C THR A 12 -5.63 0.32 4.93
N GLY A 13 -5.12 0.67 3.79
CA GLY A 13 -5.95 0.70 2.55
C GLY A 13 -5.15 0.08 1.41
N ILE A 14 -5.50 0.35 0.18
CA ILE A 14 -4.73 -0.23 -0.93
C ILE A 14 -4.67 0.74 -2.12
N TYR A 15 -3.49 0.94 -2.66
CA TYR A 15 -3.35 1.82 -3.84
C TYR A 15 -3.06 0.96 -5.05
N ASN A 16 -2.86 1.57 -6.18
CA ASN A 16 -2.58 0.80 -7.38
C ASN A 16 -2.00 1.75 -8.43
N THR A 17 -0.84 2.27 -8.17
CA THR A 17 -0.23 3.22 -9.11
C THR A 17 1.27 3.30 -8.85
N TRP A 18 2.01 3.85 -9.77
CA TRP A 18 3.46 4.01 -9.53
C TRP A 18 3.61 5.22 -8.61
N ASN A 19 2.98 6.30 -8.99
CA ASN A 19 3.05 7.52 -8.18
C ASN A 19 2.35 7.31 -6.84
N GLU A 20 1.13 6.86 -6.87
CA GLU A 20 0.42 6.62 -5.59
C GLU A 20 1.31 5.78 -4.68
N CYS A 21 2.13 4.94 -5.26
CA CYS A 21 3.04 4.10 -4.43
C CYS A 21 4.07 4.99 -3.76
N LYS A 22 4.72 5.80 -4.51
CA LYS A 22 5.72 6.71 -3.93
C LYS A 22 5.00 7.87 -3.24
N ASN A 23 4.05 8.46 -3.89
CA ASN A 23 3.31 9.59 -3.26
C ASN A 23 2.81 9.14 -1.88
N GLN A 24 2.21 7.99 -1.82
CA GLN A 24 1.70 7.49 -0.51
C GLN A 24 2.90 7.22 0.41
N VAL A 25 3.98 6.71 -0.14
CA VAL A 25 5.16 6.42 0.72
C VAL A 25 6.45 6.78 -0.02
N ASP A 26 6.72 8.05 -0.18
CA ASP A 26 7.97 8.47 -0.89
C ASP A 26 8.80 9.34 0.06
N GLY A 27 9.67 8.74 0.83
CA GLY A 27 10.50 9.54 1.77
C GLY A 27 10.13 9.18 3.21
N TYR A 28 9.57 8.02 3.41
CA TYR A 28 9.15 7.61 4.77
C TYR A 28 10.10 6.53 5.29
N GLY A 29 10.74 6.78 6.41
CA GLY A 29 11.68 5.78 6.97
C GLY A 29 10.96 4.46 7.23
N GLY A 30 10.21 4.37 8.29
CA GLY A 30 9.48 3.10 8.59
C GLY A 30 7.98 3.30 8.42
N ALA A 31 7.56 3.92 7.36
CA ALA A 31 6.09 4.13 7.14
C ALA A 31 5.37 2.79 7.21
N ILE A 32 4.08 2.81 7.41
CA ILE A 32 3.35 1.53 7.42
C ILE A 32 2.92 1.22 6.00
N TYR A 33 3.13 0.03 5.55
CA TYR A 33 2.70 -0.29 4.18
C TYR A 33 3.01 -1.74 3.82
N LYS A 34 2.19 -2.32 2.99
CA LYS A 34 2.41 -3.72 2.56
C LYS A 34 2.31 -3.75 1.03
N LYS A 35 3.41 -3.51 0.37
CA LYS A 35 3.40 -3.48 -1.12
C LYS A 35 2.57 -4.64 -1.67
N PHE A 36 1.99 -4.45 -2.82
CA PHE A 36 1.14 -5.51 -3.41
C PHE A 36 1.01 -5.33 -4.91
N ASN A 37 0.61 -6.35 -5.61
CA ASN A 37 0.45 -6.26 -7.07
C ASN A 37 -0.85 -6.95 -7.45
N SER A 38 -1.89 -6.76 -6.67
CA SER A 38 -3.18 -7.41 -6.98
C SER A 38 -4.18 -7.04 -5.89
N TYR A 39 -5.01 -6.06 -6.14
CA TYR A 39 -6.03 -5.63 -5.14
C TYR A 39 -6.57 -6.84 -4.37
N GLU A 40 -6.59 -7.99 -5.01
CA GLU A 40 -7.12 -9.21 -4.33
C GLU A 40 -6.12 -9.68 -3.26
N GLN A 41 -4.85 -9.61 -3.54
CA GLN A 41 -3.85 -10.04 -2.54
C GLN A 41 -3.80 -8.99 -1.46
N ALA A 42 -3.61 -7.77 -1.86
CA ALA A 42 -3.56 -6.67 -0.89
C ALA A 42 -4.82 -6.70 -0.02
N LYS A 43 -5.96 -6.91 -0.61
CA LYS A 43 -7.22 -6.97 0.18
C LYS A 43 -7.13 -8.15 1.15
N SER A 44 -7.00 -9.33 0.63
CA SER A 44 -6.89 -10.52 1.51
C SER A 44 -5.98 -10.19 2.69
N PHE A 45 -4.94 -9.44 2.46
CA PHE A 45 -4.02 -9.08 3.56
C PHE A 45 -4.64 -7.96 4.41
N LEU A 46 -5.35 -7.06 3.79
CA LEU A 46 -5.95 -5.95 4.56
C LEU A 46 -6.76 -6.51 5.72
N GLY A 47 -7.37 -7.64 5.53
CA GLY A 47 -8.18 -8.25 6.63
C GLY A 47 -9.47 -8.83 6.07
N GLY A 1 2.40 1.57 -12.22
CA GLY A 1 1.10 1.35 -11.52
C GLY A 1 1.20 0.13 -10.61
N ASN A 2 1.50 0.32 -9.36
CA ASN A 2 1.63 -0.84 -8.44
C ASN A 2 0.45 -0.88 -7.48
N PHE A 3 0.33 -1.95 -6.75
CA PHE A 3 -0.76 -2.05 -5.74
C PHE A 3 -0.13 -1.85 -4.37
N TYR A 4 -0.72 -1.09 -3.50
CA TYR A 4 -0.06 -0.90 -2.19
C TYR A 4 -1.03 -0.98 -1.02
N ALA A 5 -0.85 -1.96 -0.17
CA ALA A 5 -1.72 -2.06 1.03
C ALA A 5 -1.16 -1.09 2.06
N VAL A 6 -1.68 0.11 2.12
CA VAL A 6 -1.08 1.10 3.07
C VAL A 6 -2.12 1.97 3.78
N ARG A 7 -1.87 2.26 5.03
CA ARG A 7 -2.79 3.14 5.82
C ARG A 7 -2.46 2.99 7.30
N LYS A 8 -1.20 2.90 7.64
CA LYS A 8 -0.83 2.75 9.07
C LYS A 8 -1.34 1.40 9.59
N GLY A 9 -1.77 1.34 10.82
CA GLY A 9 -2.27 0.05 11.36
C GLY A 9 -3.68 0.26 11.92
N ARG A 10 -4.64 0.49 11.07
CA ARG A 10 -6.03 0.70 11.56
C ARG A 10 -6.99 0.80 10.37
N GLU A 11 -6.57 1.46 9.31
CA GLU A 11 -7.45 1.58 8.12
C GLU A 11 -6.64 1.26 6.87
N THR A 12 -5.87 0.20 6.90
CA THR A 12 -5.04 -0.17 5.72
C THR A 12 -5.83 0.06 4.43
N GLY A 13 -5.20 0.56 3.40
CA GLY A 13 -5.92 0.80 2.12
C GLY A 13 -5.14 0.13 1.01
N ILE A 14 -5.59 0.21 -0.21
CA ILE A 14 -4.81 -0.44 -1.30
C ILE A 14 -4.75 0.44 -2.54
N TYR A 15 -3.59 0.96 -2.84
CA TYR A 15 -3.45 1.80 -4.05
C TYR A 15 -3.23 0.92 -5.26
N ASN A 16 -3.16 1.52 -6.40
CA ASN A 16 -2.95 0.78 -7.65
C ASN A 16 -2.34 1.75 -8.64
N THR A 17 -1.20 2.28 -8.32
CA THR A 17 -0.56 3.27 -9.21
C THR A 17 0.92 3.40 -8.91
N TRP A 18 1.65 4.00 -9.80
CA TRP A 18 3.09 4.21 -9.56
C TRP A 18 3.22 5.40 -8.62
N ASN A 19 2.52 6.46 -8.95
CA ASN A 19 2.53 7.67 -8.11
C ASN A 19 1.91 7.35 -6.75
N GLU A 20 0.69 6.88 -6.75
CA GLU A 20 0.04 6.53 -5.46
C GLU A 20 1.04 5.77 -4.60
N CYS A 21 1.76 4.88 -5.20
CA CYS A 21 2.76 4.10 -4.43
C CYS A 21 3.75 5.04 -3.77
N LYS A 22 4.79 5.35 -4.46
CA LYS A 22 5.81 6.26 -3.91
C LYS A 22 5.15 7.46 -3.24
N ASN A 23 4.27 8.13 -3.94
CA ASN A 23 3.59 9.31 -3.34
C ASN A 23 3.14 8.97 -1.92
N GLN A 24 2.57 7.81 -1.73
CA GLN A 24 2.11 7.42 -0.37
C GLN A 24 3.31 7.09 0.50
N VAL A 25 4.37 6.61 -0.09
CA VAL A 25 5.57 6.26 0.72
C VAL A 25 6.84 6.60 -0.07
N ASP A 26 7.19 7.85 -0.14
CA ASP A 26 8.43 8.24 -0.87
C ASP A 26 9.47 8.74 0.13
N GLY A 27 9.03 9.21 1.25
CA GLY A 27 9.97 9.70 2.29
C GLY A 27 9.60 9.10 3.64
N TYR A 28 9.46 7.80 3.70
CA TYR A 28 9.10 7.15 4.99
C TYR A 28 10.17 6.13 5.36
N GLY A 29 10.85 6.34 6.46
CA GLY A 29 11.91 5.40 6.89
C GLY A 29 11.34 3.98 6.99
N GLY A 30 10.52 3.74 7.98
CA GLY A 30 9.94 2.37 8.14
C GLY A 30 8.42 2.44 8.10
N ALA A 31 7.86 3.17 7.16
CA ALA A 31 6.38 3.26 7.08
C ALA A 31 5.77 1.85 7.15
N ILE A 32 4.48 1.75 7.24
CA ILE A 32 3.83 0.41 7.31
C ILE A 32 3.68 -0.14 5.89
N TYR A 33 3.21 0.70 5.01
CA TYR A 33 2.97 0.34 3.58
C TYR A 33 3.35 -1.11 3.25
N LYS A 34 2.39 -1.88 2.82
CA LYS A 34 2.66 -3.31 2.44
C LYS A 34 2.53 -3.41 0.92
N LYS A 35 3.64 -3.27 0.23
CA LYS A 35 3.59 -3.32 -1.26
C LYS A 35 2.83 -4.54 -1.75
N PHE A 36 2.17 -4.40 -2.87
CA PHE A 36 1.40 -5.53 -3.45
C PHE A 36 1.18 -5.30 -4.93
N ASN A 37 0.76 -6.31 -5.62
CA ASN A 37 0.52 -6.19 -7.08
C ASN A 37 -0.74 -6.98 -7.43
N SER A 38 -1.77 -6.81 -6.66
CA SER A 38 -3.02 -7.57 -6.93
C SER A 38 -4.00 -7.34 -5.79
N TYR A 39 -4.93 -6.43 -5.97
CA TYR A 39 -5.93 -6.13 -4.90
C TYR A 39 -6.31 -7.42 -4.18
N GLU A 40 -6.27 -8.53 -4.85
CA GLU A 40 -6.64 -9.82 -4.21
C GLU A 40 -5.62 -10.18 -3.13
N GLN A 41 -4.35 -10.01 -3.40
CA GLN A 41 -3.32 -10.34 -2.39
C GLN A 41 -3.29 -9.22 -1.36
N ALA A 42 -3.13 -8.03 -1.83
CA ALA A 42 -3.10 -6.87 -0.92
C ALA A 42 -4.35 -6.90 -0.06
N LYS A 43 -5.49 -6.98 -0.67
CA LYS A 43 -6.75 -7.04 0.11
C LYS A 43 -6.71 -8.25 1.03
N SER A 44 -6.27 -9.36 0.51
CA SER A 44 -6.18 -10.59 1.32
C SER A 44 -5.51 -10.27 2.66
N PHE A 45 -4.38 -9.60 2.64
CA PHE A 45 -3.70 -9.29 3.93
C PHE A 45 -4.39 -8.11 4.61
N LEU A 46 -5.04 -7.27 3.85
CA LEU A 46 -5.72 -6.10 4.44
C LEU A 46 -6.68 -6.56 5.55
N GLY A 47 -7.87 -6.95 5.19
CA GLY A 47 -8.84 -7.40 6.23
C GLY A 47 -9.49 -8.73 5.83
N GLY A 1 2.35 2.70 -11.97
CA GLY A 1 1.90 2.62 -10.55
C GLY A 1 1.84 1.16 -10.11
N ASN A 2 1.37 0.91 -8.92
CA ASN A 2 1.29 -0.49 -8.43
C ASN A 2 0.19 -0.64 -7.40
N PHE A 3 0.15 -1.77 -6.74
CA PHE A 3 -0.87 -1.99 -5.69
C PHE A 3 -0.20 -1.80 -4.34
N TYR A 4 -0.87 -1.20 -3.39
CA TYR A 4 -0.20 -0.98 -2.09
C TYR A 4 -1.13 -1.23 -0.91
N ALA A 5 -0.95 -2.31 -0.20
CA ALA A 5 -1.80 -2.55 1.00
C ALA A 5 -1.22 -1.68 2.11
N VAL A 6 -1.74 -0.50 2.26
CA VAL A 6 -1.18 0.43 3.27
C VAL A 6 -2.22 0.81 4.32
N ARG A 7 -1.76 1.21 5.48
CA ARG A 7 -2.70 1.62 6.55
C ARG A 7 -1.92 2.19 7.73
N LYS A 8 -0.84 2.87 7.46
CA LYS A 8 -0.03 3.45 8.57
C LYS A 8 -0.93 4.29 9.47
N GLY A 9 -1.52 3.69 10.46
CA GLY A 9 -2.40 4.43 11.40
C GLY A 9 -3.28 5.40 10.60
N ARG A 10 -3.85 4.94 9.52
CA ARG A 10 -4.73 5.84 8.71
C ARG A 10 -5.78 5.00 7.97
N GLU A 11 -6.90 5.58 7.67
CA GLU A 11 -7.97 4.82 6.95
C GLU A 11 -7.64 4.76 5.46
N THR A 12 -6.64 4.00 5.09
CA THR A 12 -6.28 3.90 3.65
C THR A 12 -6.66 2.51 3.12
N GLY A 13 -5.71 1.65 2.91
CA GLY A 13 -6.04 0.29 2.39
C GLY A 13 -5.14 -0.04 1.20
N ILE A 14 -5.59 -0.90 0.33
CA ILE A 14 -4.76 -1.28 -0.83
C ILE A 14 -4.90 -0.25 -1.96
N TYR A 15 -3.81 0.31 -2.41
CA TYR A 15 -3.90 1.29 -3.53
C TYR A 15 -3.62 0.57 -4.82
N ASN A 16 -3.60 1.31 -5.89
CA ASN A 16 -3.34 0.72 -7.21
C ASN A 16 -2.84 1.86 -8.10
N THR A 17 -1.76 2.48 -7.72
CA THR A 17 -1.26 3.62 -8.52
C THR A 17 0.21 3.88 -8.21
N TRP A 18 0.83 4.70 -9.01
CA TRP A 18 2.24 5.07 -8.75
C TRP A 18 2.23 6.12 -7.64
N ASN A 19 1.42 7.12 -7.83
CA ASN A 19 1.30 8.19 -6.82
C ASN A 19 0.84 7.59 -5.50
N GLU A 20 -0.34 7.02 -5.47
CA GLU A 20 -0.83 6.40 -4.22
C GLU A 20 0.29 5.60 -3.58
N CYS A 21 1.01 4.87 -4.39
CA CYS A 21 2.13 4.06 -3.87
C CYS A 21 3.20 4.97 -3.29
N LYS A 22 4.10 5.39 -4.10
CA LYS A 22 5.18 6.30 -3.66
C LYS A 22 4.61 7.42 -2.77
N ASN A 23 3.63 8.13 -3.24
CA ASN A 23 3.04 9.23 -2.43
C ASN A 23 2.76 8.72 -1.02
N GLN A 24 2.15 7.57 -0.90
CA GLN A 24 1.85 7.04 0.46
C GLN A 24 3.14 6.56 1.12
N VAL A 25 4.14 6.26 0.36
CA VAL A 25 5.42 5.80 0.95
C VAL A 25 6.60 6.19 0.05
N ASP A 26 6.99 7.43 0.09
CA ASP A 26 8.14 7.87 -0.76
C ASP A 26 9.31 8.25 0.14
N GLY A 27 10.01 7.27 0.66
CA GLY A 27 11.16 7.59 1.55
C GLY A 27 10.78 7.27 3.00
N TYR A 28 10.02 6.22 3.20
CA TYR A 28 9.61 5.86 4.58
C TYR A 28 10.17 4.49 4.95
N GLY A 29 11.31 4.46 5.57
CA GLY A 29 11.91 3.15 5.95
C GLY A 29 11.17 2.58 7.16
N GLY A 30 10.27 3.34 7.73
CA GLY A 30 9.52 2.83 8.91
C GLY A 30 8.02 2.84 8.61
N ALA A 31 7.62 3.47 7.53
CA ALA A 31 6.17 3.51 7.20
C ALA A 31 5.59 2.11 7.26
N ILE A 32 4.33 1.99 7.55
CA ILE A 32 3.71 0.65 7.56
C ILE A 32 3.18 0.41 6.15
N TYR A 33 3.43 -0.72 5.59
CA TYR A 33 2.92 -0.95 4.22
C TYR A 33 3.16 -2.36 3.73
N LYS A 34 2.26 -2.84 2.92
CA LYS A 34 2.39 -4.20 2.33
C LYS A 34 2.33 -4.03 0.81
N LYS A 35 3.44 -3.70 0.21
CA LYS A 35 3.47 -3.48 -1.26
C LYS A 35 2.88 -4.69 -1.98
N PHE A 36 2.23 -4.47 -3.09
CA PHE A 36 1.63 -5.59 -3.84
C PHE A 36 1.40 -5.22 -5.30
N ASN A 37 1.15 -6.21 -6.12
CA ASN A 37 0.90 -5.95 -7.56
C ASN A 37 -0.38 -6.68 -7.95
N SER A 38 -1.29 -6.77 -7.02
CA SER A 38 -2.57 -7.48 -7.30
C SER A 38 -3.46 -7.36 -6.07
N TYR A 39 -4.33 -6.38 -6.05
CA TYR A 39 -5.25 -6.18 -4.89
C TYR A 39 -5.68 -7.53 -4.30
N GLU A 40 -5.75 -8.54 -5.12
CA GLU A 40 -6.16 -9.88 -4.62
C GLU A 40 -5.11 -10.43 -3.66
N GLN A 41 -3.85 -10.17 -3.92
CA GLN A 41 -2.79 -10.66 -3.03
C GLN A 41 -2.75 -9.75 -1.81
N ALA A 42 -2.61 -8.49 -2.06
CA ALA A 42 -2.59 -7.50 -0.95
C ALA A 42 -3.83 -7.72 -0.10
N LYS A 43 -4.98 -7.71 -0.73
CA LYS A 43 -6.24 -7.93 0.02
C LYS A 43 -6.12 -9.25 0.79
N SER A 44 -5.85 -10.31 0.10
CA SER A 44 -5.70 -11.62 0.78
C SER A 44 -4.81 -11.43 2.01
N PHE A 45 -3.89 -10.49 1.94
CA PHE A 45 -2.99 -10.24 3.09
C PHE A 45 -3.76 -9.48 4.16
N LEU A 46 -4.49 -8.46 3.78
CA LEU A 46 -5.24 -7.66 4.76
C LEU A 46 -6.10 -8.57 5.65
N GLY A 47 -7.16 -9.11 5.11
CA GLY A 47 -8.05 -9.98 5.94
C GLY A 47 -8.32 -11.32 5.23
N GLY A 1 2.07 2.26 -11.76
CA GLY A 1 0.77 2.04 -11.06
C GLY A 1 0.85 0.72 -10.28
N ASN A 2 1.03 0.76 -8.99
CA ASN A 2 1.14 -0.49 -8.23
C ASN A 2 -0.01 -0.62 -7.23
N PHE A 3 -0.24 -1.82 -6.77
CA PHE A 3 -1.31 -2.03 -5.75
C PHE A 3 -0.65 -1.87 -4.39
N TYR A 4 -1.30 -1.28 -3.43
CA TYR A 4 -0.59 -1.14 -2.13
C TYR A 4 -1.42 -1.64 -0.96
N ALA A 5 -1.07 -2.78 -0.41
CA ALA A 5 -1.82 -3.23 0.78
C ALA A 5 -1.25 -2.45 1.95
N VAL A 6 -1.66 -1.21 2.04
CA VAL A 6 -1.11 -0.31 3.10
C VAL A 6 -2.05 -0.23 4.31
N ARG A 7 -1.51 0.19 5.43
CA ARG A 7 -2.36 0.31 6.65
C ARG A 7 -1.53 0.95 7.77
N LYS A 8 -0.61 1.82 7.45
CA LYS A 8 0.21 2.45 8.51
C LYS A 8 -0.70 3.06 9.57
N GLY A 9 -1.31 4.18 9.27
CA GLY A 9 -2.23 4.82 10.27
C GLY A 9 -3.07 5.89 9.58
N ARG A 10 -2.56 7.09 9.48
CA ARG A 10 -3.33 8.18 8.81
C ARG A 10 -3.95 7.65 7.52
N GLU A 11 -3.33 6.67 6.93
CA GLU A 11 -3.88 6.10 5.66
C GLU A 11 -3.99 4.58 5.78
N THR A 12 -4.74 3.96 4.92
CA THR A 12 -4.88 2.48 5.00
C THR A 12 -5.78 1.99 3.85
N GLY A 13 -5.48 0.84 3.31
CA GLY A 13 -6.31 0.31 2.19
C GLY A 13 -5.41 -0.17 1.07
N ILE A 14 -5.98 -0.70 0.02
CA ILE A 14 -5.14 -1.18 -1.10
C ILE A 14 -5.13 -0.15 -2.23
N TYR A 15 -4.01 0.48 -2.45
CA TYR A 15 -3.93 1.49 -3.55
C TYR A 15 -3.70 0.78 -4.87
N ASN A 16 -3.50 1.53 -5.91
CA ASN A 16 -3.29 0.94 -7.23
C ASN A 16 -2.71 2.02 -8.14
N THR A 17 -1.58 2.56 -7.77
CA THR A 17 -0.98 3.65 -8.57
C THR A 17 0.50 3.77 -8.23
N TRP A 18 1.25 4.44 -9.07
CA TRP A 18 2.68 4.64 -8.75
C TRP A 18 2.74 5.79 -7.76
N ASN A 19 1.99 6.82 -8.03
CA ASN A 19 1.95 8.00 -7.13
C ASN A 19 1.28 7.60 -5.82
N GLU A 20 0.06 7.10 -5.89
CA GLU A 20 -0.63 6.68 -4.65
C GLU A 20 0.35 5.88 -3.81
N CYS A 21 1.22 5.17 -4.45
CA CYS A 21 2.21 4.38 -3.69
C CYS A 21 3.14 5.33 -2.94
N LYS A 22 4.23 5.66 -3.53
CA LYS A 22 5.17 6.60 -2.90
C LYS A 22 4.40 7.74 -2.24
N ASN A 23 3.53 8.38 -2.98
CA ASN A 23 2.74 9.48 -2.39
C ASN A 23 2.18 9.02 -1.04
N GLN A 24 1.67 7.82 -0.99
CA GLN A 24 1.11 7.31 0.30
C GLN A 24 2.24 6.97 1.25
N VAL A 25 3.44 6.77 0.75
CA VAL A 25 4.55 6.43 1.68
C VAL A 25 5.73 7.40 1.51
N ASP A 26 6.39 7.37 0.37
CA ASP A 26 7.55 8.30 0.11
C ASP A 26 8.21 8.74 1.43
N GLY A 27 9.27 8.08 1.82
CA GLY A 27 9.95 8.47 3.09
C GLY A 27 9.76 7.36 4.12
N TYR A 28 8.66 7.41 4.86
CA TYR A 28 8.35 6.37 5.88
C TYR A 28 9.64 5.73 6.43
N GLY A 29 10.11 6.17 7.56
CA GLY A 29 11.35 5.57 8.13
C GLY A 29 11.10 4.07 8.35
N GLY A 30 9.86 3.67 8.41
CA GLY A 30 9.53 2.23 8.61
C GLY A 30 8.03 2.02 8.41
N ALA A 31 7.52 2.38 7.27
CA ALA A 31 6.06 2.22 7.01
C ALA A 31 5.68 0.74 7.08
N ILE A 32 4.42 0.45 6.96
CA ILE A 32 3.95 -0.97 7.03
C ILE A 32 3.58 -1.45 5.64
N TYR A 33 3.19 -0.52 4.82
CA TYR A 33 2.74 -0.80 3.44
C TYR A 33 3.14 -2.20 2.93
N LYS A 34 2.24 -2.84 2.25
CA LYS A 34 2.50 -4.18 1.67
C LYS A 34 2.17 -4.11 0.18
N LYS A 35 3.03 -3.48 -0.57
CA LYS A 35 2.79 -3.31 -2.03
C LYS A 35 2.43 -4.64 -2.68
N PHE A 36 1.73 -4.59 -3.78
CA PHE A 36 1.32 -5.86 -4.45
C PHE A 36 1.02 -5.62 -5.94
N ASN A 37 0.83 -6.69 -6.66
CA ASN A 37 0.53 -6.58 -8.10
C ASN A 37 -0.71 -7.43 -8.39
N SER A 38 -1.63 -7.46 -7.46
CA SER A 38 -2.85 -8.27 -7.63
C SER A 38 -3.76 -8.05 -6.43
N TYR A 39 -4.71 -7.16 -6.57
CA TYR A 39 -5.66 -6.86 -5.45
C TYR A 39 -5.99 -8.14 -4.66
N GLU A 40 -5.95 -9.27 -5.31
CA GLU A 40 -6.26 -10.55 -4.61
C GLU A 40 -5.18 -10.86 -3.56
N GLN A 41 -3.94 -10.59 -3.87
CA GLN A 41 -2.87 -10.88 -2.89
C GLN A 41 -2.87 -9.78 -1.85
N ALA A 42 -2.76 -8.57 -2.29
CA ALA A 42 -2.78 -7.43 -1.35
C ALA A 42 -3.95 -7.61 -0.39
N LYS A 43 -5.10 -7.96 -0.90
CA LYS A 43 -6.26 -8.17 0.00
C LYS A 43 -5.97 -9.36 0.91
N SER A 44 -5.67 -10.50 0.34
CA SER A 44 -5.36 -11.68 1.18
C SER A 44 -4.41 -11.26 2.30
N PHE A 45 -3.55 -10.32 2.02
CA PHE A 45 -2.61 -9.84 3.07
C PHE A 45 -3.38 -8.94 4.04
N LEU A 46 -4.32 -8.20 3.51
CA LEU A 46 -5.13 -7.29 4.36
C LEU A 46 -5.81 -8.10 5.48
N GLY A 47 -6.90 -7.63 6.01
CA GLY A 47 -7.59 -8.38 7.10
C GLY A 47 -8.40 -9.55 6.51
N GLY A 1 1.27 2.12 -12.10
CA GLY A 1 0.13 1.61 -11.30
C GLY A 1 0.54 0.37 -10.51
N ASN A 2 0.65 0.48 -9.21
CA ASN A 2 1.00 -0.69 -8.38
C ASN A 2 -0.06 -0.86 -7.30
N PHE A 3 -0.06 -1.98 -6.63
CA PHE A 3 -1.08 -2.19 -5.55
C PHE A 3 -0.39 -1.98 -4.21
N TYR A 4 -1.02 -1.31 -3.28
CA TYR A 4 -0.31 -1.11 -1.98
C TYR A 4 -1.21 -1.36 -0.78
N ALA A 5 -0.98 -2.43 -0.07
CA ALA A 5 -1.79 -2.68 1.17
C ALA A 5 -1.20 -1.79 2.24
N VAL A 6 -1.65 -0.58 2.31
CA VAL A 6 -1.08 0.37 3.29
C VAL A 6 -2.02 0.68 4.45
N ARG A 7 -1.46 1.00 5.59
CA ARG A 7 -2.33 1.34 6.74
C ARG A 7 -1.76 2.56 7.47
N LYS A 8 -0.57 2.47 7.97
CA LYS A 8 0.04 3.63 8.68
C LYS A 8 -0.85 4.05 9.85
N GLY A 9 -1.08 3.17 10.78
CA GLY A 9 -1.95 3.52 11.95
C GLY A 9 -3.32 3.98 11.47
N ARG A 10 -3.46 5.25 11.15
CA ARG A 10 -4.78 5.75 10.67
C ARG A 10 -5.38 4.75 9.69
N GLU A 11 -4.55 4.00 9.02
CA GLU A 11 -5.08 3.00 8.04
C GLU A 11 -5.49 3.70 6.76
N THR A 12 -5.28 3.08 5.64
CA THR A 12 -5.66 3.70 4.35
C THR A 12 -6.39 2.66 3.49
N GLY A 13 -5.68 1.66 3.09
CA GLY A 13 -6.30 0.59 2.26
C GLY A 13 -5.34 0.16 1.16
N ILE A 14 -5.82 -0.53 0.17
CA ILE A 14 -4.93 -1.00 -0.91
C ILE A 14 -4.94 -0.02 -2.08
N TYR A 15 -3.81 0.55 -2.39
CA TYR A 15 -3.74 1.51 -3.53
C TYR A 15 -3.62 0.72 -4.82
N ASN A 16 -3.62 1.42 -5.91
CA ASN A 16 -3.51 0.79 -7.22
C ASN A 16 -2.99 1.85 -8.17
N THR A 17 -1.81 2.36 -7.91
CA THR A 17 -1.26 3.44 -8.76
C THR A 17 0.25 3.49 -8.58
N TRP A 18 0.97 4.03 -9.52
CA TRP A 18 2.43 4.12 -9.33
C TRP A 18 2.68 5.30 -8.39
N ASN A 19 1.91 6.35 -8.55
CA ASN A 19 2.05 7.53 -7.68
C ASN A 19 1.54 7.17 -6.29
N GLU A 20 0.30 6.75 -6.20
CA GLU A 20 -0.25 6.37 -4.87
C GLU A 20 0.78 5.52 -4.15
N CYS A 21 1.52 4.74 -4.88
CA CYS A 21 2.57 3.89 -4.26
C CYS A 21 3.60 4.80 -3.61
N LYS A 22 4.56 5.19 -4.37
CA LYS A 22 5.62 6.08 -3.85
C LYS A 22 5.01 7.30 -3.18
N ASN A 23 4.02 7.91 -3.80
CA ASN A 23 3.39 9.11 -3.19
C ASN A 23 2.99 8.79 -1.74
N GLN A 24 2.37 7.66 -1.52
CA GLN A 24 1.95 7.30 -0.14
C GLN A 24 3.19 6.95 0.69
N VAL A 25 4.21 6.45 0.05
CA VAL A 25 5.44 6.09 0.82
C VAL A 25 6.69 6.42 0.00
N ASP A 26 7.13 7.64 0.05
CA ASP A 26 8.36 8.03 -0.71
C ASP A 26 9.47 8.34 0.29
N GLY A 27 9.10 8.62 1.50
CA GLY A 27 10.12 8.92 2.55
C GLY A 27 10.01 7.88 3.67
N TYR A 28 8.89 7.89 4.36
CA TYR A 28 8.62 6.90 5.47
C TYR A 28 9.92 6.27 5.99
N GLY A 29 10.40 6.70 7.13
CA GLY A 29 11.65 6.11 7.68
C GLY A 29 11.42 4.63 8.02
N GLY A 30 10.18 4.22 8.03
CA GLY A 30 9.87 2.79 8.36
C GLY A 30 8.36 2.58 8.35
N ALA A 31 7.70 3.04 7.32
CA ALA A 31 6.22 2.87 7.23
C ALA A 31 5.88 1.39 7.16
N ILE A 32 4.63 1.04 7.38
CA ILE A 32 4.23 -0.40 7.31
C ILE A 32 4.01 -0.81 5.86
N TYR A 33 3.27 -0.01 5.17
CA TYR A 33 2.93 -0.25 3.74
C TYR A 33 3.30 -1.66 3.26
N LYS A 34 2.31 -2.46 2.98
CA LYS A 34 2.56 -3.83 2.46
C LYS A 34 2.46 -3.78 0.94
N LYS A 35 3.52 -3.40 0.28
CA LYS A 35 3.49 -3.29 -1.20
C LYS A 35 2.82 -4.52 -1.81
N PHE A 36 2.23 -4.36 -2.96
CA PHE A 36 1.55 -5.52 -3.61
C PHE A 36 1.42 -5.28 -5.11
N ASN A 37 1.22 -6.34 -5.85
CA ASN A 37 1.08 -6.21 -7.31
C ASN A 37 -0.18 -6.96 -7.74
N SER A 38 -1.22 -6.83 -6.96
CA SER A 38 -2.47 -7.55 -7.30
C SER A 38 -3.47 -7.39 -6.14
N TYR A 39 -4.38 -6.46 -6.28
CA TYR A 39 -5.39 -6.25 -5.21
C TYR A 39 -5.83 -7.59 -4.62
N GLU A 40 -5.76 -8.64 -5.40
CA GLU A 40 -6.17 -9.98 -4.90
C GLU A 40 -5.15 -10.48 -3.85
N GLN A 41 -3.90 -10.21 -4.04
CA GLN A 41 -2.89 -10.65 -3.06
C GLN A 41 -2.97 -9.72 -1.87
N ALA A 42 -2.82 -8.46 -2.14
CA ALA A 42 -2.91 -7.45 -1.06
C ALA A 42 -4.21 -7.71 -0.31
N LYS A 43 -5.30 -7.71 -1.03
CA LYS A 43 -6.63 -7.97 -0.38
C LYS A 43 -6.49 -9.23 0.48
N SER A 44 -6.03 -10.30 -0.10
CA SER A 44 -5.87 -11.55 0.68
C SER A 44 -5.22 -11.19 2.01
N PHE A 45 -4.28 -10.28 1.98
CA PHE A 45 -3.61 -9.87 3.25
C PHE A 45 -4.56 -8.96 4.02
N LEU A 46 -5.33 -8.17 3.32
CA LEU A 46 -6.27 -7.26 4.00
C LEU A 46 -7.26 -8.08 4.84
N GLY A 47 -8.10 -8.85 4.20
CA GLY A 47 -9.07 -9.67 4.95
C GLY A 47 -9.56 -10.84 4.08
N GLY A 1 1.73 1.28 -12.85
CA GLY A 1 0.88 1.41 -11.63
C GLY A 1 1.08 0.21 -10.71
N ASN A 2 1.44 0.44 -9.48
CA ASN A 2 1.64 -0.68 -8.54
C ASN A 2 0.51 -0.67 -7.51
N PHE A 3 0.46 -1.66 -6.68
CA PHE A 3 -0.60 -1.71 -5.64
C PHE A 3 0.07 -1.51 -4.29
N TYR A 4 -0.49 -0.75 -3.39
CA TYR A 4 0.19 -0.58 -2.08
C TYR A 4 -0.78 -0.69 -0.93
N ALA A 5 -0.67 -1.73 -0.15
CA ALA A 5 -1.57 -1.86 1.02
C ALA A 5 -1.01 -0.96 2.11
N VAL A 6 -1.53 0.23 2.25
CA VAL A 6 -0.97 1.16 3.25
C VAL A 6 -2.03 2.03 3.91
N ARG A 7 -1.71 2.56 5.07
CA ARG A 7 -2.67 3.45 5.76
C ARG A 7 -2.19 3.68 7.19
N LYS A 8 -1.51 2.73 7.76
CA LYS A 8 -1.01 2.91 9.16
C LYS A 8 -2.17 2.80 10.15
N GLY A 9 -2.41 1.64 10.69
CA GLY A 9 -3.52 1.50 11.67
C GLY A 9 -4.49 0.40 11.20
N ARG A 10 -5.40 0.00 12.05
CA ARG A 10 -6.38 -1.05 11.67
C ARG A 10 -6.98 -0.71 10.31
N GLU A 11 -7.45 -1.70 9.60
CA GLU A 11 -8.05 -1.44 8.26
C GLU A 11 -7.05 -0.68 7.38
N THR A 12 -5.96 -1.32 7.03
CA THR A 12 -4.96 -0.62 6.17
C THR A 12 -5.65 -0.12 4.89
N GLY A 13 -4.90 0.44 3.98
CA GLY A 13 -5.53 0.93 2.72
C GLY A 13 -4.85 0.24 1.55
N ILE A 14 -5.21 0.56 0.33
CA ILE A 14 -4.57 -0.10 -0.82
C ILE A 14 -4.59 0.81 -2.05
N TYR A 15 -3.46 1.33 -2.44
CA TYR A 15 -3.42 2.20 -3.65
C TYR A 15 -3.19 1.32 -4.87
N ASN A 16 -3.15 1.92 -6.01
CA ASN A 16 -2.94 1.16 -7.24
C ASN A 16 -2.40 2.11 -8.30
N THR A 17 -1.20 2.56 -8.13
CA THR A 17 -0.62 3.51 -9.10
C THR A 17 0.90 3.53 -8.96
N TRP A 18 1.57 4.05 -9.95
CA TRP A 18 3.04 4.16 -9.85
C TRP A 18 3.33 5.34 -8.94
N ASN A 19 2.68 6.43 -9.24
CA ASN A 19 2.85 7.66 -8.42
C ASN A 19 2.26 7.41 -7.04
N GLU A 20 0.98 7.16 -6.96
CA GLU A 20 0.36 6.91 -5.64
C GLU A 20 1.26 5.96 -4.84
N CYS A 21 1.83 4.98 -5.48
CA CYS A 21 2.73 4.05 -4.74
C CYS A 21 3.88 4.85 -4.13
N LYS A 22 4.87 5.10 -4.91
CA LYS A 22 6.03 5.88 -4.46
C LYS A 22 5.57 7.18 -3.80
N ASN A 23 4.69 7.91 -4.42
CA ASN A 23 4.22 9.19 -3.82
C ASN A 23 3.70 8.91 -2.41
N GLN A 24 2.86 7.94 -2.26
CA GLN A 24 2.32 7.62 -0.91
C GLN A 24 3.44 7.08 -0.03
N VAL A 25 4.47 6.55 -0.64
CA VAL A 25 5.60 6.00 0.15
C VAL A 25 6.89 6.01 -0.68
N ASP A 26 7.59 7.11 -0.70
CA ASP A 26 8.85 7.18 -1.48
C ASP A 26 10.03 7.28 -0.52
N GLY A 27 9.76 7.68 0.68
CA GLY A 27 10.84 7.80 1.70
C GLY A 27 10.38 7.10 2.98
N TYR A 28 9.25 7.50 3.50
CA TYR A 28 8.68 6.87 4.74
C TYR A 28 9.78 6.30 5.63
N GLY A 29 10.15 6.99 6.67
CA GLY A 29 11.20 6.46 7.58
C GLY A 29 10.60 5.34 8.43
N GLY A 30 10.04 4.34 7.80
CA GLY A 30 9.43 3.22 8.56
C GLY A 30 7.92 3.19 8.31
N ALA A 31 7.51 3.25 7.07
CA ALA A 31 6.05 3.23 6.76
C ALA A 31 5.48 1.83 7.00
N ILE A 32 4.21 1.73 7.25
CA ILE A 32 3.58 0.41 7.47
C ILE A 32 3.30 -0.21 6.10
N TYR A 33 3.11 0.66 5.15
CA TYR A 33 2.80 0.26 3.75
C TYR A 33 3.29 -1.16 3.44
N LYS A 34 2.50 -1.88 2.67
CA LYS A 34 2.86 -3.26 2.26
C LYS A 34 2.66 -3.36 0.75
N LYS A 35 3.69 -3.09 0.00
CA LYS A 35 3.55 -3.13 -1.48
C LYS A 35 2.77 -4.36 -1.92
N PHE A 36 2.12 -4.27 -3.04
CA PHE A 36 1.31 -5.40 -3.54
C PHE A 36 1.11 -5.28 -5.05
N ASN A 37 0.78 -6.37 -5.68
CA ASN A 37 0.57 -6.36 -7.14
C ASN A 37 -0.77 -7.02 -7.45
N SER A 38 -1.77 -6.71 -6.67
CA SER A 38 -3.10 -7.34 -6.89
C SER A 38 -4.01 -7.00 -5.71
N TYR A 39 -4.84 -6.01 -5.87
CA TYR A 39 -5.77 -5.61 -4.77
C TYR A 39 -6.26 -6.87 -4.04
N GLU A 40 -6.36 -7.96 -4.75
CA GLU A 40 -6.84 -9.23 -4.12
C GLU A 40 -5.81 -9.70 -3.09
N GLN A 41 -4.54 -9.63 -3.42
CA GLN A 41 -3.51 -10.07 -2.46
C GLN A 41 -3.37 -8.99 -1.40
N ALA A 42 -3.21 -7.79 -1.84
CA ALA A 42 -3.08 -6.67 -0.88
C ALA A 42 -4.29 -6.68 0.05
N LYS A 43 -5.48 -6.71 -0.50
CA LYS A 43 -6.70 -6.74 0.35
C LYS A 43 -6.63 -7.96 1.26
N SER A 44 -6.44 -9.12 0.69
CA SER A 44 -6.35 -10.35 1.51
C SER A 44 -5.47 -10.08 2.74
N PHE A 45 -4.36 -9.42 2.54
CA PHE A 45 -3.47 -9.12 3.69
C PHE A 45 -4.08 -8.00 4.52
N LEU A 46 -4.89 -7.18 3.90
CA LEU A 46 -5.53 -6.06 4.63
C LEU A 46 -6.41 -6.62 5.76
N GLY A 47 -7.54 -7.16 5.42
CA GLY A 47 -8.44 -7.72 6.47
C GLY A 47 -9.27 -8.87 5.89
N GLY A 1 2.09 2.49 -11.89
CA GLY A 1 2.12 2.41 -10.41
C GLY A 1 1.90 0.97 -9.96
N ASN A 2 1.27 0.77 -8.83
CA ASN A 2 1.05 -0.62 -8.37
C ASN A 2 -0.04 -0.66 -7.29
N PHE A 3 -0.17 -1.79 -6.66
CA PHE A 3 -1.17 -1.93 -5.56
C PHE A 3 -0.40 -1.87 -4.24
N TYR A 4 -0.95 -1.28 -3.22
CA TYR A 4 -0.17 -1.22 -1.95
C TYR A 4 -1.04 -1.55 -0.75
N ALA A 5 -0.84 -2.69 -0.14
CA ALA A 5 -1.63 -3.00 1.08
C ALA A 5 -0.98 -2.23 2.22
N VAL A 6 -1.39 -1.00 2.35
CA VAL A 6 -0.79 -0.12 3.37
C VAL A 6 -1.71 0.07 4.57
N ARG A 7 -1.16 0.33 5.73
CA ARG A 7 -2.03 0.54 6.91
C ARG A 7 -1.51 1.72 7.75
N LYS A 8 -0.50 2.40 7.29
CA LYS A 8 0.03 3.56 8.07
C LYS A 8 -0.67 4.84 7.60
N GLY A 9 -1.68 5.27 8.31
CA GLY A 9 -2.39 6.52 7.90
C GLY A 9 -3.89 6.34 8.12
N ARG A 10 -4.62 7.41 8.19
CA ARG A 10 -6.09 7.29 8.41
C ARG A 10 -6.74 6.73 7.14
N GLU A 11 -7.84 6.05 7.28
CA GLU A 11 -8.51 5.47 6.09
C GLU A 11 -7.49 4.77 5.19
N THR A 12 -6.39 4.34 5.75
CA THR A 12 -5.35 3.65 4.94
C THR A 12 -5.98 2.43 4.24
N GLY A 13 -5.19 1.49 3.82
CA GLY A 13 -5.78 0.30 3.14
C GLY A 13 -4.93 -0.06 1.92
N ILE A 14 -5.53 -0.67 0.93
CA ILE A 14 -4.75 -1.06 -0.27
C ILE A 14 -4.89 0.02 -1.36
N TYR A 15 -3.79 0.40 -1.95
CA TYR A 15 -3.86 1.42 -3.04
C TYR A 15 -3.66 0.73 -4.37
N ASN A 16 -3.60 1.49 -5.41
CA ASN A 16 -3.42 0.93 -6.75
C ASN A 16 -3.01 2.07 -7.67
N THR A 17 -1.84 2.61 -7.43
CA THR A 17 -1.39 3.74 -8.25
C THR A 17 0.12 3.90 -8.13
N TRP A 18 0.69 4.72 -8.96
CA TRP A 18 2.15 4.97 -8.86
C TRP A 18 2.35 5.96 -7.73
N ASN A 19 1.58 7.02 -7.76
CA ASN A 19 1.68 8.05 -6.71
C ASN A 19 1.17 7.49 -5.39
N GLU A 20 -0.07 7.06 -5.36
CA GLU A 20 -0.62 6.47 -4.10
C GLU A 20 0.43 5.54 -3.51
N CYS A 21 1.18 4.89 -4.36
CA CYS A 21 2.23 3.97 -3.87
C CYS A 21 3.31 4.77 -3.17
N LYS A 22 4.26 5.21 -3.91
CA LYS A 22 5.35 6.01 -3.33
C LYS A 22 4.78 7.16 -2.50
N ASN A 23 3.78 7.85 -3.01
CA ASN A 23 3.19 8.98 -2.23
C ASN A 23 2.76 8.48 -0.85
N GLN A 24 2.02 7.41 -0.79
CA GLN A 24 1.59 6.89 0.54
C GLN A 24 2.82 6.40 1.28
N VAL A 25 3.83 6.01 0.57
CA VAL A 25 5.07 5.52 1.23
C VAL A 25 6.31 5.99 0.45
N ASP A 26 6.73 7.20 0.67
CA ASP A 26 7.93 7.72 -0.04
C ASP A 26 8.99 8.09 1.00
N GLY A 27 10.07 7.37 1.04
CA GLY A 27 11.13 7.67 2.06
C GLY A 27 10.83 6.86 3.31
N TYR A 28 9.83 7.29 4.06
CA TYR A 28 9.42 6.56 5.31
C TYR A 28 10.61 5.84 5.94
N GLY A 29 11.22 6.43 6.94
CA GLY A 29 12.36 5.75 7.61
C GLY A 29 11.94 4.34 8.01
N GLY A 30 10.66 4.12 8.14
CA GLY A 30 10.16 2.77 8.53
C GLY A 30 8.64 2.73 8.39
N ALA A 31 8.14 2.95 7.21
CA ALA A 31 6.66 2.92 7.01
C ALA A 31 6.14 1.49 7.05
N ILE A 32 4.90 1.32 7.38
CA ILE A 32 4.33 -0.05 7.38
C ILE A 32 3.62 -0.26 6.07
N TYR A 33 3.85 -1.35 5.40
CA TYR A 33 3.12 -1.54 4.13
C TYR A 33 3.46 -2.88 3.49
N LYS A 34 2.52 -3.43 2.78
CA LYS A 34 2.74 -4.71 2.07
C LYS A 34 2.50 -4.47 0.58
N LYS A 35 3.52 -4.08 -0.13
CA LYS A 35 3.35 -3.80 -1.59
C LYS A 35 2.65 -4.98 -2.27
N PHE A 36 1.98 -4.72 -3.35
CA PHE A 36 1.27 -5.82 -4.05
C PHE A 36 0.99 -5.45 -5.51
N ASN A 37 0.69 -6.44 -6.30
CA ASN A 37 0.40 -6.21 -7.73
C ASN A 37 -0.91 -6.91 -8.07
N SER A 38 -1.91 -6.74 -7.24
CA SER A 38 -3.21 -7.41 -7.50
C SER A 38 -4.12 -7.21 -6.28
N TYR A 39 -5.01 -6.28 -6.36
CA TYR A 39 -5.94 -6.02 -5.21
C TYR A 39 -6.37 -7.34 -4.58
N GLU A 40 -6.40 -8.39 -5.34
CA GLU A 40 -6.81 -9.72 -4.78
C GLU A 40 -5.70 -10.27 -3.89
N GLN A 41 -4.47 -10.05 -4.26
CA GLN A 41 -3.35 -10.55 -3.44
C GLN A 41 -3.21 -9.63 -2.24
N ALA A 42 -3.10 -8.37 -2.50
CA ALA A 42 -2.99 -7.40 -1.40
C ALA A 42 -4.12 -7.63 -0.41
N LYS A 43 -5.31 -7.80 -0.91
CA LYS A 43 -6.46 -8.06 0.00
C LYS A 43 -6.26 -9.38 0.70
N SER A 44 -5.97 -10.42 -0.04
CA SER A 44 -5.74 -11.74 0.58
C SER A 44 -4.78 -11.59 1.76
N PHE A 45 -3.82 -10.71 1.63
CA PHE A 45 -2.86 -10.50 2.75
C PHE A 45 -3.53 -9.68 3.84
N LEU A 46 -4.32 -8.71 3.45
CA LEU A 46 -5.01 -7.86 4.44
C LEU A 46 -5.77 -8.73 5.44
N GLY A 47 -6.23 -9.87 5.01
CA GLY A 47 -6.97 -10.76 5.93
C GLY A 47 -8.36 -11.05 5.36
N GLY A 1 1.21 2.98 -11.74
CA GLY A 1 0.12 2.50 -10.85
C GLY A 1 0.50 1.17 -10.19
N ASN A 2 0.55 1.13 -8.88
CA ASN A 2 0.89 -0.13 -8.19
C ASN A 2 -0.15 -0.39 -7.10
N PHE A 3 -0.30 -1.61 -6.68
CA PHE A 3 -1.27 -1.88 -5.59
C PHE A 3 -0.52 -1.82 -4.27
N TYR A 4 -1.12 -1.34 -3.21
CA TYR A 4 -0.35 -1.28 -1.94
C TYR A 4 -1.21 -1.56 -0.72
N ALA A 5 -1.00 -2.68 -0.08
CA ALA A 5 -1.79 -2.96 1.16
C ALA A 5 -1.12 -2.14 2.25
N VAL A 6 -1.66 -0.99 2.52
CA VAL A 6 -1.02 -0.09 3.51
C VAL A 6 -1.87 0.11 4.75
N ARG A 7 -1.23 0.46 5.84
CA ARG A 7 -1.99 0.69 7.10
C ARG A 7 -1.49 1.96 7.80
N LYS A 8 -0.53 2.64 7.24
CA LYS A 8 -0.03 3.89 7.87
C LYS A 8 -0.12 5.04 6.86
N GLY A 9 -1.19 5.78 6.89
CA GLY A 9 -1.35 6.91 5.94
C GLY A 9 -2.80 7.38 5.93
N ARG A 10 -3.60 6.90 5.02
CA ARG A 10 -5.03 7.32 4.98
C ARG A 10 -5.79 6.61 6.11
N GLU A 11 -6.31 5.45 5.84
CA GLU A 11 -7.07 4.72 6.90
C GLU A 11 -6.89 3.21 6.70
N THR A 12 -5.76 2.78 6.21
CA THR A 12 -5.53 1.33 6.01
C THR A 12 -6.34 0.84 4.81
N GLY A 13 -5.67 0.46 3.75
CA GLY A 13 -6.40 -0.03 2.55
C GLY A 13 -5.41 -0.31 1.44
N ILE A 14 -5.83 -0.96 0.39
CA ILE A 14 -4.89 -1.28 -0.71
C ILE A 14 -4.92 -0.17 -1.76
N TYR A 15 -3.80 0.44 -2.02
CA TYR A 15 -3.77 1.51 -3.05
C TYR A 15 -3.64 0.88 -4.42
N ASN A 16 -3.55 1.70 -5.42
CA ASN A 16 -3.44 1.19 -6.80
C ASN A 16 -2.95 2.34 -7.67
N THR A 17 -1.77 2.84 -7.37
CA THR A 17 -1.24 3.98 -8.13
C THR A 17 0.26 4.05 -7.93
N TRP A 18 0.99 4.68 -8.82
CA TRP A 18 2.45 4.79 -8.61
C TRP A 18 2.66 5.90 -7.59
N ASN A 19 1.89 6.95 -7.71
CA ASN A 19 1.98 8.08 -6.76
C ASN A 19 1.47 7.62 -5.40
N GLU A 20 0.24 7.18 -5.34
CA GLU A 20 -0.30 6.70 -4.05
C GLU A 20 0.74 5.80 -3.40
N CYS A 21 1.45 5.05 -4.19
CA CYS A 21 2.49 4.16 -3.62
C CYS A 21 3.55 5.02 -2.93
N LYS A 22 4.52 5.43 -3.67
CA LYS A 22 5.59 6.28 -3.10
C LYS A 22 4.96 7.33 -2.17
N ASN A 23 4.02 8.08 -2.67
CA ASN A 23 3.37 9.12 -1.81
C ASN A 23 3.03 8.52 -0.45
N GLN A 24 2.45 7.35 -0.45
CA GLN A 24 2.08 6.70 0.84
C GLN A 24 3.34 6.17 1.54
N VAL A 25 4.35 5.83 0.79
CA VAL A 25 5.59 5.29 1.44
C VAL A 25 6.82 5.66 0.61
N ASP A 26 7.11 6.93 0.50
CA ASP A 26 8.31 7.36 -0.28
C ASP A 26 9.31 8.00 0.67
N GLY A 27 8.83 8.51 1.76
CA GLY A 27 9.73 9.16 2.76
C GLY A 27 9.45 8.57 4.15
N TYR A 28 9.32 7.28 4.25
CA TYR A 28 9.03 6.66 5.57
C TYR A 28 10.16 5.71 5.96
N GLY A 29 10.96 6.09 6.92
CA GLY A 29 12.09 5.21 7.35
C GLY A 29 11.55 4.06 8.20
N GLY A 30 10.55 3.35 7.73
CA GLY A 30 10.01 2.22 8.53
C GLY A 30 8.48 2.27 8.55
N ALA A 31 7.86 2.66 7.46
CA ALA A 31 6.38 2.73 7.43
C ALA A 31 5.80 1.32 7.43
N ILE A 32 4.57 1.18 7.84
CA ILE A 32 3.95 -0.16 7.80
C ILE A 32 3.31 -0.33 6.43
N TYR A 33 3.54 -1.41 5.78
CA TYR A 33 2.93 -1.57 4.45
C TYR A 33 3.25 -2.92 3.81
N LYS A 34 2.39 -3.36 2.93
CA LYS A 34 2.60 -4.64 2.20
C LYS A 34 2.22 -4.36 0.74
N LYS A 35 3.09 -3.75 0.00
CA LYS A 35 2.77 -3.41 -1.40
C LYS A 35 2.35 -4.66 -2.17
N PHE A 36 1.67 -4.47 -3.28
CA PHE A 36 1.20 -5.64 -4.08
C PHE A 36 0.93 -5.21 -5.52
N ASN A 37 0.69 -6.16 -6.37
CA ASN A 37 0.41 -5.86 -7.79
C ASN A 37 -0.90 -6.54 -8.18
N SER A 38 -1.84 -6.59 -7.27
CA SER A 38 -3.12 -7.26 -7.55
C SER A 38 -3.99 -7.23 -6.30
N TYR A 39 -4.88 -6.27 -6.22
CA TYR A 39 -5.77 -6.14 -5.03
C TYR A 39 -6.10 -7.52 -4.44
N GLU A 40 -6.19 -8.53 -5.27
CA GLU A 40 -6.50 -9.90 -4.76
C GLU A 40 -5.36 -10.41 -3.87
N GLN A 41 -4.14 -10.20 -4.27
CA GLN A 41 -3.02 -10.67 -3.44
C GLN A 41 -2.97 -9.81 -2.19
N ALA A 42 -2.92 -8.53 -2.40
CA ALA A 42 -2.90 -7.60 -1.27
C ALA A 42 -4.08 -7.92 -0.36
N LYS A 43 -5.26 -7.96 -0.91
CA LYS A 43 -6.46 -8.27 -0.08
C LYS A 43 -6.18 -9.52 0.76
N SER A 44 -6.04 -10.64 0.11
CA SER A 44 -5.77 -11.90 0.85
C SER A 44 -4.75 -11.63 1.96
N PHE A 45 -3.79 -10.79 1.71
CA PHE A 45 -2.78 -10.47 2.74
C PHE A 45 -3.38 -9.53 3.78
N LEU A 46 -4.27 -8.68 3.37
CA LEU A 46 -4.88 -7.73 4.31
C LEU A 46 -5.44 -8.48 5.52
N GLY A 47 -6.67 -8.89 5.48
CA GLY A 47 -7.26 -9.61 6.64
C GLY A 47 -8.30 -10.63 6.16
N GLY A 1 3.23 2.62 -11.16
CA GLY A 1 1.82 2.49 -10.70
C GLY A 1 1.58 1.05 -10.23
N ASN A 2 1.05 0.87 -9.04
CA ASN A 2 0.81 -0.50 -8.56
C ASN A 2 -0.20 -0.51 -7.44
N PHE A 3 -0.37 -1.64 -6.82
CA PHE A 3 -1.32 -1.75 -5.68
C PHE A 3 -0.52 -1.73 -4.39
N TYR A 4 -1.05 -1.18 -3.34
CA TYR A 4 -0.25 -1.16 -2.08
C TYR A 4 -1.10 -1.49 -0.87
N ALA A 5 -0.84 -2.60 -0.24
CA ALA A 5 -1.60 -2.94 1.00
C ALA A 5 -0.98 -2.13 2.12
N VAL A 6 -1.48 -0.94 2.31
CA VAL A 6 -0.87 -0.05 3.33
C VAL A 6 -1.73 0.07 4.58
N ARG A 7 -1.10 0.34 5.69
CA ARG A 7 -1.86 0.50 6.95
C ARG A 7 -1.11 1.44 7.91
N LYS A 8 -0.10 2.14 7.43
CA LYS A 8 0.64 3.07 8.31
C LYS A 8 0.00 4.46 8.25
N GLY A 9 0.04 5.08 7.11
CA GLY A 9 -0.55 6.44 6.97
C GLY A 9 -2.08 6.36 7.11
N ARG A 10 -2.76 7.46 6.90
CA ARG A 10 -4.24 7.45 7.01
C ARG A 10 -4.85 6.74 5.80
N GLU A 11 -6.15 6.77 5.68
CA GLU A 11 -6.81 6.09 4.52
C GLU A 11 -6.19 4.70 4.34
N THR A 12 -5.92 4.02 5.43
CA THR A 12 -5.33 2.66 5.32
C THR A 12 -6.11 1.82 4.31
N GLY A 13 -5.48 0.87 3.69
CA GLY A 13 -6.18 0.01 2.69
C GLY A 13 -5.24 -0.28 1.53
N ILE A 14 -5.72 -0.96 0.52
CA ILE A 14 -4.87 -1.29 -0.63
C ILE A 14 -4.97 -0.21 -1.71
N TYR A 15 -3.87 0.42 -2.03
CA TYR A 15 -3.89 1.48 -3.09
C TYR A 15 -3.71 0.83 -4.44
N ASN A 16 -3.63 1.62 -5.46
CA ASN A 16 -3.48 1.07 -6.81
C ASN A 16 -3.05 2.20 -7.74
N THR A 17 -1.89 2.75 -7.51
CA THR A 17 -1.43 3.87 -8.34
C THR A 17 0.08 4.04 -8.22
N TRP A 18 0.63 4.90 -9.03
CA TRP A 18 2.08 5.19 -8.94
C TRP A 18 2.25 6.16 -7.78
N ASN A 19 1.51 7.22 -7.83
CA ASN A 19 1.56 8.25 -6.76
C ASN A 19 1.04 7.64 -5.46
N GLU A 20 -0.18 7.17 -5.45
CA GLU A 20 -0.73 6.57 -4.21
C GLU A 20 0.33 5.66 -3.61
N CYS A 21 1.11 5.04 -4.43
CA CYS A 21 2.17 4.14 -3.91
C CYS A 21 3.20 4.98 -3.17
N LYS A 22 4.15 5.48 -3.86
CA LYS A 22 5.19 6.31 -3.25
C LYS A 22 4.55 7.43 -2.42
N ASN A 23 3.55 8.08 -2.96
CA ASN A 23 2.88 9.17 -2.20
C ASN A 23 2.46 8.66 -0.82
N GLN A 24 1.85 7.50 -0.78
CA GLN A 24 1.42 6.94 0.54
C GLN A 24 2.64 6.46 1.31
N VAL A 25 3.71 6.15 0.63
CA VAL A 25 4.93 5.65 1.34
C VAL A 25 6.18 5.98 0.54
N ASP A 26 6.71 7.16 0.69
CA ASP A 26 7.94 7.53 -0.05
C ASP A 26 9.07 7.70 0.95
N GLY A 27 8.89 8.59 1.88
CA GLY A 27 9.93 8.82 2.93
C GLY A 27 9.37 8.32 4.26
N TYR A 28 9.53 7.06 4.53
CA TYR A 28 8.99 6.48 5.77
C TYR A 28 10.09 5.75 6.54
N GLY A 29 10.12 5.90 7.85
CA GLY A 29 11.17 5.21 8.65
C GLY A 29 10.89 3.71 8.64
N GLY A 30 9.86 3.28 9.31
CA GLY A 30 9.51 1.83 9.34
C GLY A 30 8.08 1.65 8.85
N ALA A 31 7.80 2.07 7.64
CA ALA A 31 6.42 1.94 7.10
C ALA A 31 5.95 0.49 7.19
N ILE A 32 4.66 0.30 7.31
CA ILE A 32 4.09 -1.08 7.39
C ILE A 32 3.66 -1.51 6.00
N TYR A 33 3.37 -0.55 5.18
CA TYR A 33 2.89 -0.81 3.80
C TYR A 33 3.42 -2.12 3.22
N LYS A 34 2.60 -2.78 2.43
CA LYS A 34 3.00 -4.05 1.78
C LYS A 34 2.70 -3.93 0.29
N LYS A 35 3.65 -3.51 -0.49
CA LYS A 35 3.42 -3.35 -1.94
C LYS A 35 2.71 -4.58 -2.51
N PHE A 36 1.92 -4.40 -3.53
CA PHE A 36 1.21 -5.55 -4.13
C PHE A 36 0.81 -5.22 -5.57
N ASN A 37 0.49 -6.24 -6.32
CA ASN A 37 0.08 -6.01 -7.72
C ASN A 37 -1.17 -6.85 -7.98
N SER A 38 -2.16 -6.70 -7.15
CA SER A 38 -3.41 -7.49 -7.33
C SER A 38 -4.22 -7.43 -6.04
N TYR A 39 -5.22 -6.59 -6.00
CA TYR A 39 -6.06 -6.47 -4.78
C TYR A 39 -6.31 -7.86 -4.19
N GLU A 40 -6.31 -8.87 -5.01
CA GLU A 40 -6.55 -10.25 -4.50
C GLU A 40 -5.40 -10.68 -3.60
N GLN A 41 -4.18 -10.38 -3.97
CA GLN A 41 -3.04 -10.77 -3.14
C GLN A 41 -2.95 -9.82 -1.97
N ALA A 42 -2.87 -8.56 -2.25
CA ALA A 42 -2.81 -7.54 -1.19
C ALA A 42 -3.94 -7.82 -0.20
N LYS A 43 -5.14 -7.93 -0.72
CA LYS A 43 -6.31 -8.20 0.16
C LYS A 43 -6.04 -9.48 0.97
N SER A 44 -5.79 -10.57 0.29
CA SER A 44 -5.52 -11.84 1.02
C SER A 44 -4.53 -11.55 2.15
N PHE A 45 -3.65 -10.60 1.97
CA PHE A 45 -2.68 -10.27 3.04
C PHE A 45 -3.39 -9.47 4.12
N LEU A 46 -4.20 -8.52 3.72
CA LEU A 46 -4.92 -7.71 4.71
C LEU A 46 -5.63 -8.62 5.72
N GLY A 47 -6.73 -9.21 5.33
CA GLY A 47 -7.46 -10.10 6.27
C GLY A 47 -7.96 -11.35 5.55
#